data_1M7H
#
_entry.id   1M7H
#
_cell.length_a   83.601
_cell.length_b   83.688
_cell.length_c   138.677
_cell.angle_alpha   90.00
_cell.angle_beta   90.00
_cell.angle_gamma   90.00
#
_symmetry.space_group_name_H-M   'P 21 21 21'
#
loop_
_entity.id
_entity.type
_entity.pdbx_description
1 polymer 'Adenylylsulfate kinase'
2 non-polymer 'SULFATE ION'
3 non-polymer "ADENOSINE-5'-DIPHOSPHATE"
4 non-polymer "ADENOSINE-5'-PHOSPHOSULFATE"
5 water water
#
_entity_poly.entity_id   1
_entity_poly.type   'polypeptide(L)'
_entity_poly.pdbx_seq_one_letter_code
;MSTNITFHASALTRSERTELRNQRGLTIWLTGLSASGKSTLAVELEHQLVRDRRVHAYRLDGDNIRFGLNKDLGFSEADR
NENIRRIAEVAKLFADSNSIAITSFISPYRKDRDTARQLHEVATPGEETGLPFVEVYVDVPVEVAEQRDPKGLYKKAREG
VIKEFTGISAPYEAPANPEVHVKNYELPVQDAVKQIIDYLDTKGYLPAKKE
;
_entity_poly.pdbx_strand_id   A,B,C,D
#
loop_
_chem_comp.id
_chem_comp.type
_chem_comp.name
_chem_comp.formula
ADP non-polymer ADENOSINE-5'-DIPHOSPHATE 'C10 H15 N5 O10 P2'
ADX RNA linking ADENOSINE-5'-PHOSPHOSULFATE 'C10 H14 N5 O10 P S'
SO4 non-polymer 'SULFATE ION' 'O4 S -2'
#
# COMPACT_ATOMS: atom_id res chain seq x y z
N PHE A 7 -28.07 -1.94 -24.18
CA PHE A 7 -27.49 -0.84 -23.36
C PHE A 7 -27.35 0.44 -24.17
N HIS A 8 -27.40 1.59 -23.47
CA HIS A 8 -27.29 2.90 -24.10
C HIS A 8 -25.86 3.23 -24.54
N ALA A 9 -25.68 3.44 -25.84
CA ALA A 9 -24.36 3.77 -26.37
C ALA A 9 -24.19 5.29 -26.42
N SER A 10 -25.30 6.01 -26.53
CA SER A 10 -25.25 7.47 -26.59
C SER A 10 -25.56 8.06 -25.22
N ALA A 11 -24.74 9.02 -24.81
CA ALA A 11 -24.91 9.67 -23.52
C ALA A 11 -26.23 10.41 -23.44
N LEU A 12 -26.73 10.58 -22.22
CA LEU A 12 -27.97 11.32 -22.00
C LEU A 12 -27.87 12.65 -22.72
N THR A 13 -28.97 13.06 -23.35
CA THR A 13 -29.00 14.34 -24.04
C THR A 13 -29.52 15.34 -23.02
N ARG A 14 -29.36 16.62 -23.31
CA ARG A 14 -29.84 17.66 -22.40
C ARG A 14 -31.34 17.47 -22.17
N SER A 15 -32.06 17.21 -23.26
CA SER A 15 -33.50 17.02 -23.21
C SER A 15 -33.93 15.86 -22.30
N GLU A 16 -33.29 14.70 -22.44
CA GLU A 16 -33.64 13.56 -21.60
C GLU A 16 -33.30 13.84 -20.14
N ARG A 17 -32.15 14.46 -19.92
CA ARG A 17 -31.69 14.78 -18.57
C ARG A 17 -32.59 15.85 -17.93
N THR A 18 -33.00 16.82 -18.72
CA THR A 18 -33.87 17.88 -18.21
C THR A 18 -35.20 17.31 -17.72
N GLU A 19 -35.77 16.38 -18.48
CA GLU A 19 -37.03 15.78 -18.10
C GLU A 19 -36.85 14.80 -16.94
N LEU A 20 -35.79 14.00 -16.99
CA LEU A 20 -35.55 13.03 -15.92
C LEU A 20 -35.19 13.68 -14.59
N ARG A 21 -34.52 14.82 -14.62
CA ARG A 21 -34.14 15.51 -13.38
C ARG A 21 -35.20 16.53 -12.97
N ASN A 22 -36.11 16.83 -13.90
CA ASN A 22 -37.21 17.77 -13.68
C ASN A 22 -36.81 19.20 -13.32
N GLN A 23 -35.78 19.71 -13.99
CA GLN A 23 -35.30 21.08 -13.81
C GLN A 23 -34.27 21.37 -14.87
N ARG A 24 -34.04 22.65 -15.14
CA ARG A 24 -33.03 23.01 -16.11
C ARG A 24 -31.70 23.26 -15.41
N GLY A 25 -30.66 23.50 -16.20
CA GLY A 25 -29.35 23.78 -15.66
C GLY A 25 -28.98 25.17 -16.14
N LEU A 26 -28.33 25.96 -15.27
CA LEU A 26 -27.90 27.32 -15.63
C LEU A 26 -26.89 27.78 -14.59
N THR A 27 -26.29 28.93 -14.82
CA THR A 27 -25.33 29.46 -13.86
C THR A 27 -25.73 30.86 -13.39
N ILE A 28 -25.73 31.07 -12.08
CA ILE A 28 -26.04 32.40 -11.55
C ILE A 28 -24.72 32.97 -11.05
N TRP A 29 -24.24 34.01 -11.71
CA TRP A 29 -22.96 34.62 -11.42
C TRP A 29 -23.01 35.97 -10.70
N LEU A 30 -22.73 35.96 -9.41
CA LEU A 30 -22.76 37.21 -8.66
C LEU A 30 -21.44 37.96 -8.83
N THR A 31 -21.53 39.28 -8.99
CA THR A 31 -20.35 40.12 -9.10
C THR A 31 -20.66 41.42 -8.32
N GLY A 32 -19.63 41.98 -7.67
CA GLY A 32 -19.81 43.19 -6.90
C GLY A 32 -18.65 43.37 -5.92
N LEU A 33 -18.54 44.57 -5.34
CA LEU A 33 -17.49 44.89 -4.39
C LEU A 33 -17.43 43.95 -3.19
N SER A 34 -16.29 43.98 -2.50
CA SER A 34 -16.10 43.21 -1.30
C SER A 34 -17.11 43.83 -0.33
N ALA A 35 -17.83 42.98 0.38
CA ALA A 35 -18.83 43.40 1.34
C ALA A 35 -20.13 43.90 0.67
N SER A 36 -20.27 43.72 -0.64
CA SER A 36 -21.52 44.13 -1.29
C SER A 36 -22.65 43.17 -0.84
N GLY A 37 -22.29 41.98 -0.38
CA GLY A 37 -23.25 40.99 0.08
C GLY A 37 -23.44 39.78 -0.85
N LYS A 38 -22.44 39.51 -1.69
CA LYS A 38 -22.55 38.40 -2.66
C LYS A 38 -22.76 37.05 -1.97
N SER A 39 -21.91 36.78 -1.00
CA SER A 39 -21.97 35.53 -0.30
C SER A 39 -23.30 35.36 0.45
N THR A 40 -23.76 36.44 1.06
CA THR A 40 -25.00 36.44 1.83
C THR A 40 -26.19 36.07 0.94
N LEU A 41 -26.26 36.69 -0.23
CA LEU A 41 -27.34 36.39 -1.16
C LEU A 41 -27.20 34.97 -1.71
N ALA A 42 -25.96 34.56 -1.99
CA ALA A 42 -25.74 33.22 -2.54
C ALA A 42 -26.18 32.11 -1.59
N VAL A 43 -25.84 32.24 -0.31
CA VAL A 43 -26.19 31.24 0.70
C VAL A 43 -27.72 31.10 0.83
N GLU A 44 -28.40 32.23 0.97
CA GLU A 44 -29.86 32.23 1.11
C GLU A 44 -30.53 31.78 -0.18
N LEU A 45 -30.00 32.20 -1.32
CA LEU A 45 -30.55 31.80 -2.61
C LEU A 45 -30.46 30.28 -2.73
N GLU A 46 -29.32 29.73 -2.33
CA GLU A 46 -29.15 28.29 -2.40
C GLU A 46 -30.16 27.57 -1.50
N HIS A 47 -30.36 28.09 -0.29
CA HIS A 47 -31.30 27.48 0.65
C HIS A 47 -32.68 27.37 0.03
N GLN A 48 -33.17 28.47 -0.53
CA GLN A 48 -34.49 28.50 -1.12
C GLN A 48 -34.62 27.58 -2.32
N LEU A 49 -33.61 27.57 -3.19
CA LEU A 49 -33.67 26.72 -4.36
C LEU A 49 -33.75 25.26 -3.98
N VAL A 50 -32.83 24.80 -3.15
CA VAL A 50 -32.82 23.41 -2.73
C VAL A 50 -33.99 23.04 -1.83
N ARG A 51 -34.22 23.85 -0.81
CA ARG A 51 -35.32 23.58 0.14
C ARG A 51 -36.71 23.92 -0.38
N ASP A 52 -36.95 25.21 -0.61
CA ASP A 52 -38.24 25.69 -1.08
C ASP A 52 -38.64 25.21 -2.48
N ARG A 53 -37.71 25.28 -3.43
CA ARG A 53 -38.00 24.88 -4.81
C ARG A 53 -37.75 23.41 -5.18
N ARG A 54 -37.09 22.68 -4.29
CA ARG A 54 -36.83 21.27 -4.54
C ARG A 54 -35.88 20.96 -5.70
N VAL A 55 -34.96 21.87 -6.02
CA VAL A 55 -34.03 21.61 -7.11
C VAL A 55 -32.60 21.39 -6.63
N HIS A 56 -31.75 21.00 -7.57
CA HIS A 56 -30.33 20.82 -7.28
C HIS A 56 -29.65 22.13 -7.64
N ALA A 57 -29.00 22.72 -6.65
CA ALA A 57 -28.28 23.98 -6.83
C ALA A 57 -27.01 23.84 -5.97
N TYR A 58 -25.91 24.47 -6.38
CA TYR A 58 -24.67 24.36 -5.63
C TYR A 58 -23.83 25.63 -5.76
N ARG A 59 -23.35 26.15 -4.65
CA ARG A 59 -22.53 27.36 -4.66
C ARG A 59 -21.04 27.05 -4.84
N LEU A 60 -20.39 27.89 -5.65
CA LEU A 60 -18.95 27.81 -5.87
C LEU A 60 -18.44 29.15 -5.32
N ASP A 61 -17.46 29.10 -4.45
CA ASP A 61 -16.90 30.33 -3.91
C ASP A 61 -15.54 30.04 -3.34
N GLY A 62 -14.91 31.08 -2.80
CA GLY A 62 -13.58 30.96 -2.24
C GLY A 62 -13.34 29.73 -1.38
N ASP A 63 -14.28 29.47 -0.48
CA ASP A 63 -14.15 28.35 0.43
C ASP A 63 -13.90 27.00 -0.21
N ASN A 64 -14.68 26.62 -1.22
CA ASN A 64 -14.45 25.32 -1.86
C ASN A 64 -13.61 25.38 -3.12
N ILE A 65 -13.09 26.55 -3.49
CA ILE A 65 -12.27 26.65 -4.70
C ILE A 65 -10.81 27.00 -4.41
N ARG A 66 -10.60 28.04 -3.61
CA ARG A 66 -9.26 28.51 -3.29
C ARG A 66 -8.23 27.50 -2.78
N PHE A 67 -8.64 26.58 -1.92
CA PHE A 67 -7.72 25.58 -1.36
C PHE A 67 -7.93 24.21 -1.97
N GLY A 68 -8.61 24.17 -3.10
CA GLY A 68 -8.86 22.90 -3.74
C GLY A 68 -8.40 23.00 -5.17
N LEU A 69 -9.37 23.08 -6.08
CA LEU A 69 -9.08 23.19 -7.52
C LEU A 69 -8.07 24.27 -7.85
N ASN A 70 -8.22 25.44 -7.25
CA ASN A 70 -7.33 26.56 -7.55
C ASN A 70 -6.31 26.88 -6.46
N LYS A 71 -5.94 25.90 -5.66
CA LYS A 71 -4.97 26.15 -4.59
C LYS A 71 -3.59 26.49 -5.15
N ASP A 72 -3.40 26.28 -6.45
CA ASP A 72 -2.11 26.56 -7.11
C ASP A 72 -2.03 27.96 -7.73
N LEU A 73 -3.12 28.73 -7.63
CA LEU A 73 -3.14 30.05 -8.23
C LEU A 73 -2.86 31.17 -7.25
N GLY A 74 -2.08 32.15 -7.69
CA GLY A 74 -1.74 33.29 -6.86
C GLY A 74 -2.43 34.54 -7.36
N PHE A 75 -1.78 35.69 -7.21
CA PHE A 75 -2.38 36.94 -7.63
C PHE A 75 -1.82 37.59 -8.88
N SER A 76 -1.05 36.84 -9.66
CA SER A 76 -0.51 37.40 -10.90
C SER A 76 -1.67 37.53 -11.89
N GLU A 77 -1.49 38.38 -12.90
CA GLU A 77 -2.50 38.59 -13.93
C GLU A 77 -2.90 37.22 -14.49
N ALA A 78 -1.90 36.43 -14.86
CA ALA A 78 -2.14 35.11 -15.41
C ALA A 78 -2.96 34.24 -14.48
N ASP A 79 -2.57 34.21 -13.20
CA ASP A 79 -3.27 33.39 -12.23
C ASP A 79 -4.70 33.87 -12.00
N ARG A 80 -4.89 35.19 -11.97
CA ARG A 80 -6.21 35.77 -11.77
C ARG A 80 -7.13 35.40 -12.91
N ASN A 81 -6.60 35.41 -14.13
CA ASN A 81 -7.42 35.02 -15.28
C ASN A 81 -7.72 33.53 -15.25
N GLU A 82 -6.72 32.72 -14.91
CA GLU A 82 -6.90 31.28 -14.84
C GLU A 82 -7.94 30.95 -13.75
N ASN A 83 -7.93 31.72 -12.66
CA ASN A 83 -8.88 31.50 -11.55
C ASN A 83 -10.32 31.57 -12.12
N ILE A 84 -10.61 32.67 -12.80
CA ILE A 84 -11.90 32.92 -13.41
C ILE A 84 -12.22 31.84 -14.45
N ARG A 85 -11.26 31.51 -15.32
CA ARG A 85 -11.46 30.51 -16.37
C ARG A 85 -11.91 29.19 -15.77
N ARG A 86 -11.17 28.70 -14.78
CA ARG A 86 -11.51 27.44 -14.14
C ARG A 86 -12.88 27.44 -13.46
N ILE A 87 -13.19 28.51 -12.74
CA ILE A 87 -14.47 28.63 -12.04
C ILE A 87 -15.60 28.58 -13.04
N ALA A 88 -15.43 29.27 -14.17
CA ALA A 88 -16.44 29.30 -15.22
C ALA A 88 -16.64 27.91 -15.85
N GLU A 89 -15.55 27.21 -16.15
CA GLU A 89 -15.67 25.89 -16.73
C GLU A 89 -16.40 24.96 -15.74
N VAL A 90 -16.13 25.14 -14.45
CA VAL A 90 -16.77 24.30 -13.46
C VAL A 90 -18.26 24.62 -13.35
N ALA A 91 -18.61 25.91 -13.32
CA ALA A 91 -20.02 26.29 -13.23
C ALA A 91 -20.76 25.69 -14.44
N LYS A 92 -20.09 25.71 -15.60
CA LYS A 92 -20.66 25.16 -16.82
C LYS A 92 -20.94 23.65 -16.67
N LEU A 93 -20.01 22.92 -16.05
CA LEU A 93 -20.21 21.48 -15.86
C LEU A 93 -21.48 21.24 -15.01
N PHE A 94 -21.66 22.03 -13.95
CA PHE A 94 -22.84 21.88 -13.10
C PHE A 94 -24.10 22.22 -13.91
N ALA A 95 -24.02 23.28 -14.69
CA ALA A 95 -25.16 23.67 -15.51
C ALA A 95 -25.47 22.56 -16.52
N ASP A 96 -24.42 21.94 -17.07
CA ASP A 96 -24.63 20.87 -18.04
C ASP A 96 -25.27 19.64 -17.40
N SER A 97 -25.05 19.48 -16.09
CA SER A 97 -25.60 18.35 -15.36
C SER A 97 -27.01 18.69 -14.85
N ASN A 98 -27.53 19.82 -15.30
CA ASN A 98 -28.85 20.30 -14.88
C ASN A 98 -28.88 20.59 -13.39
N SER A 99 -27.93 21.40 -12.98
CA SER A 99 -27.84 21.86 -11.61
C SER A 99 -27.79 23.36 -11.80
N ILE A 100 -28.12 24.10 -10.74
CA ILE A 100 -28.01 25.55 -10.85
C ILE A 100 -26.75 25.96 -10.07
N ALA A 101 -25.73 26.40 -10.80
CA ALA A 101 -24.48 26.82 -10.16
C ALA A 101 -24.64 28.27 -9.74
N ILE A 102 -24.15 28.59 -8.54
CA ILE A 102 -24.21 29.94 -7.98
C ILE A 102 -22.76 30.31 -7.63
N THR A 103 -22.25 31.38 -8.23
CA THR A 103 -20.87 31.76 -7.92
C THR A 103 -20.86 33.14 -7.29
N SER A 104 -19.93 33.35 -6.37
CA SER A 104 -19.83 34.66 -5.71
C SER A 104 -18.37 35.04 -5.58
N PHE A 105 -17.85 35.58 -6.66
CA PHE A 105 -16.48 36.04 -6.69
C PHE A 105 -16.62 37.49 -7.13
N ILE A 106 -15.80 38.36 -6.58
CA ILE A 106 -15.82 39.79 -6.91
C ILE A 106 -15.83 39.98 -8.43
N SER A 107 -15.03 39.19 -9.13
CA SER A 107 -14.92 39.29 -10.59
C SER A 107 -15.04 40.76 -11.02
N PRO A 108 -14.12 41.59 -10.54
CA PRO A 108 -14.06 43.04 -10.79
C PRO A 108 -14.03 43.53 -12.24
N TYR A 109 -13.41 42.77 -13.15
CA TYR A 109 -13.31 43.19 -14.54
C TYR A 109 -14.38 42.69 -15.49
N ARG A 110 -14.73 43.54 -16.44
CA ARG A 110 -15.74 43.16 -17.40
C ARG A 110 -15.27 41.90 -18.13
N LYS A 111 -13.98 41.82 -18.45
CA LYS A 111 -13.48 40.64 -19.14
C LYS A 111 -13.63 39.37 -18.29
N ASP A 112 -13.62 39.48 -16.96
CA ASP A 112 -13.81 38.30 -16.11
C ASP A 112 -15.19 37.72 -16.41
N ARG A 113 -16.21 38.56 -16.39
CA ARG A 113 -17.55 38.05 -16.66
C ARG A 113 -17.74 37.69 -18.14
N ASP A 114 -17.14 38.44 -19.05
CA ASP A 114 -17.29 38.12 -20.48
C ASP A 114 -16.78 36.70 -20.76
N THR A 115 -15.62 36.39 -20.21
CA THR A 115 -15.03 35.08 -20.38
C THR A 115 -15.97 33.99 -19.83
N ALA A 116 -16.57 34.22 -18.67
CA ALA A 116 -17.46 33.23 -18.08
C ALA A 116 -18.72 33.09 -18.94
N ARG A 117 -19.27 34.22 -19.37
CA ARG A 117 -20.48 34.21 -20.20
C ARG A 117 -20.25 33.47 -21.52
N GLN A 118 -19.17 33.84 -22.22
CA GLN A 118 -18.85 33.22 -23.51
C GLN A 118 -18.78 31.68 -23.39
N LEU A 119 -18.06 31.18 -22.39
CA LEU A 119 -17.95 29.73 -22.20
C LEU A 119 -19.34 29.09 -22.06
N HIS A 120 -20.26 29.80 -21.41
CA HIS A 120 -21.60 29.27 -21.24
C HIS A 120 -22.45 29.44 -22.49
N GLU A 121 -22.29 30.59 -23.14
CA GLU A 121 -23.12 30.85 -24.32
C GLU A 121 -22.77 30.07 -25.58
N VAL A 122 -21.68 29.29 -25.53
CA VAL A 122 -21.32 28.49 -26.70
C VAL A 122 -21.96 27.12 -26.60
N ALA A 123 -22.50 26.65 -27.72
CA ALA A 123 -23.16 25.34 -27.78
C ALA A 123 -22.37 24.23 -27.09
N THR A 124 -23.10 23.28 -26.52
CA THR A 124 -22.51 22.13 -25.82
C THR A 124 -22.39 20.97 -26.81
N PRO A 125 -21.51 19.99 -26.52
CA PRO A 125 -21.35 18.84 -27.42
C PRO A 125 -22.62 18.06 -27.70
N GLY A 126 -23.35 18.48 -28.72
CA GLY A 126 -24.59 17.81 -29.09
C GLY A 126 -25.76 18.74 -29.29
N GLU A 127 -25.94 19.70 -28.39
CA GLU A 127 -27.04 20.64 -28.48
C GLU A 127 -26.70 21.80 -29.43
N GLU A 128 -27.71 22.56 -29.81
CA GLU A 128 -27.53 23.71 -30.71
C GLU A 128 -27.45 25.01 -29.94
N THR A 129 -27.56 24.93 -28.62
CA THR A 129 -27.50 26.12 -27.78
C THR A 129 -26.67 25.89 -26.52
N GLY A 130 -26.23 26.99 -25.91
CA GLY A 130 -25.44 26.89 -24.69
C GLY A 130 -26.35 26.81 -23.49
N LEU A 131 -25.84 27.26 -22.34
CA LEU A 131 -26.61 27.25 -21.10
C LEU A 131 -26.77 28.67 -20.62
N PRO A 132 -27.92 28.98 -19.98
CA PRO A 132 -28.15 30.34 -19.50
C PRO A 132 -27.09 30.79 -18.50
N PHE A 133 -26.65 32.04 -18.63
CA PHE A 133 -25.66 32.63 -17.73
C PHE A 133 -26.33 33.91 -17.19
N VAL A 134 -26.68 33.86 -15.90
CA VAL A 134 -27.36 34.97 -15.26
C VAL A 134 -26.40 35.80 -14.43
N GLU A 135 -25.99 36.94 -14.97
CA GLU A 135 -25.08 37.83 -14.29
C GLU A 135 -25.87 38.73 -13.33
N VAL A 136 -25.59 38.57 -12.04
CA VAL A 136 -26.25 39.35 -11.00
C VAL A 136 -25.30 40.37 -10.42
N TYR A 137 -25.59 41.63 -10.64
CA TYR A 137 -24.77 42.70 -10.11
C TYR A 137 -25.28 43.00 -8.69
N VAL A 138 -24.45 42.67 -7.69
CA VAL A 138 -24.79 42.93 -6.29
C VAL A 138 -24.15 44.29 -6.08
N ASP A 139 -24.98 45.32 -6.25
CA ASP A 139 -24.55 46.70 -6.21
C ASP A 139 -24.73 47.50 -4.93
N VAL A 140 -23.63 48.02 -4.41
CA VAL A 140 -23.69 48.92 -3.25
C VAL A 140 -22.60 49.96 -3.48
N PRO A 141 -22.82 51.22 -3.05
CA PRO A 141 -21.80 52.26 -3.23
C PRO A 141 -20.63 51.84 -2.36
N VAL A 142 -19.41 52.25 -2.71
CA VAL A 142 -18.26 51.86 -1.92
C VAL A 142 -18.44 52.30 -0.47
N GLU A 143 -19.09 53.44 -0.24
CA GLU A 143 -19.30 53.93 1.12
C GLU A 143 -20.08 52.92 1.95
N VAL A 144 -21.06 52.28 1.32
CA VAL A 144 -21.85 51.28 2.03
C VAL A 144 -20.96 50.07 2.36
N ALA A 145 -20.18 49.62 1.38
CA ALA A 145 -19.29 48.47 1.62
C ALA A 145 -18.31 48.77 2.73
N GLU A 146 -17.77 50.00 2.75
CA GLU A 146 -16.79 50.38 3.79
C GLU A 146 -17.40 50.46 5.17
N GLN A 147 -18.67 50.80 5.24
CA GLN A 147 -19.35 50.91 6.52
C GLN A 147 -19.65 49.51 7.06
N ARG A 148 -19.73 48.52 6.17
CA ARG A 148 -19.97 47.13 6.57
C ARG A 148 -18.59 46.57 7.00
N ASP A 149 -17.71 46.39 6.00
CA ASP A 149 -16.33 45.95 6.23
C ASP A 149 -16.17 44.99 7.41
N PRO A 150 -16.92 43.88 7.42
CA PRO A 150 -16.91 42.87 8.49
C PRO A 150 -15.56 42.27 8.83
N LYS A 151 -14.68 42.12 7.84
CA LYS A 151 -13.36 41.54 8.05
C LYS A 151 -12.26 42.58 8.17
N GLY A 152 -12.62 43.86 8.06
CA GLY A 152 -11.63 44.92 8.18
C GLY A 152 -10.76 45.09 6.94
N LEU A 153 -11.13 44.40 5.87
CA LEU A 153 -10.38 44.47 4.63
C LEU A 153 -10.22 45.87 4.03
N TYR A 154 -11.28 46.68 4.04
CA TYR A 154 -11.19 48.02 3.50
C TYR A 154 -10.19 48.86 4.26
N LYS A 155 -10.22 48.73 5.58
CA LYS A 155 -9.30 49.47 6.43
C LYS A 155 -7.86 49.09 6.07
N LYS A 156 -7.58 47.80 6.03
CA LYS A 156 -6.25 47.33 5.68
C LYS A 156 -5.89 47.63 4.22
N ALA A 157 -6.92 47.87 3.41
CA ALA A 157 -6.73 48.19 2.00
C ALA A 157 -6.27 49.64 1.91
N ARG A 158 -6.85 50.49 2.76
CA ARG A 158 -6.48 51.90 2.79
C ARG A 158 -5.19 52.10 3.58
N GLU A 159 -4.44 51.01 3.78
CA GLU A 159 -3.18 51.08 4.51
C GLU A 159 -2.18 50.15 3.86
N GLY A 160 -2.36 49.91 2.57
CA GLY A 160 -1.45 49.05 1.84
C GLY A 160 -1.22 47.65 2.39
N VAL A 161 -1.73 47.36 3.59
CA VAL A 161 -1.52 46.05 4.17
C VAL A 161 -1.96 45.07 3.09
N ILE A 162 -2.97 45.48 2.34
CA ILE A 162 -3.47 44.69 1.23
C ILE A 162 -3.15 45.52 0.00
N LYS A 163 -2.45 44.93 -0.96
CA LYS A 163 -2.12 45.65 -2.17
C LYS A 163 -3.28 45.59 -3.15
N GLU A 164 -3.41 46.63 -3.97
CA GLU A 164 -4.48 46.73 -4.97
C GLU A 164 -5.75 45.97 -4.58
N PHE A 165 -6.63 46.67 -3.90
CA PHE A 165 -7.89 46.10 -3.43
C PHE A 165 -9.05 46.74 -4.20
N THR A 166 -9.83 45.91 -4.88
CA THR A 166 -10.99 46.39 -5.65
C THR A 166 -11.80 47.49 -4.94
N GLY A 167 -11.99 48.62 -5.63
CA GLY A 167 -12.73 49.74 -5.08
C GLY A 167 -11.88 50.75 -4.32
N ILE A 168 -10.67 50.36 -3.97
CA ILE A 168 -9.75 51.22 -3.23
C ILE A 168 -8.46 51.53 -3.99
N SER A 169 -7.75 50.49 -4.40
CA SER A 169 -6.51 50.65 -5.12
C SER A 169 -6.48 49.82 -6.41
N ALA A 170 -7.66 49.41 -6.85
CA ALA A 170 -7.87 48.66 -8.08
C ALA A 170 -9.34 48.94 -8.39
N PRO A 171 -9.68 49.03 -9.68
CA PRO A 171 -11.07 49.32 -10.07
C PRO A 171 -12.05 48.18 -10.13
N TYR A 172 -13.32 48.50 -9.87
CA TYR A 172 -14.39 47.54 -10.05
C TYR A 172 -15.08 48.09 -11.29
N GLU A 173 -15.25 47.26 -12.31
CA GLU A 173 -15.90 47.70 -13.54
C GLU A 173 -17.34 47.19 -13.51
N ALA A 174 -18.24 48.12 -13.24
CA ALA A 174 -19.64 47.80 -13.11
C ALA A 174 -20.28 47.30 -14.41
N PRO A 175 -21.14 46.26 -14.32
CA PRO A 175 -21.83 45.69 -15.48
C PRO A 175 -22.86 46.72 -15.99
N ALA A 176 -22.91 46.92 -17.31
CA ALA A 176 -23.87 47.86 -17.87
C ALA A 176 -25.23 47.18 -18.04
N ASN A 177 -25.22 45.91 -18.42
CA ASN A 177 -26.46 45.20 -18.64
C ASN A 177 -26.58 43.83 -18.01
N PRO A 178 -26.44 43.75 -16.68
CA PRO A 178 -26.56 42.45 -16.00
C PRO A 178 -28.02 41.95 -16.10
N GLU A 179 -28.20 40.64 -16.04
CA GLU A 179 -29.53 40.06 -16.09
C GLU A 179 -30.33 40.55 -14.88
N VAL A 180 -29.67 40.66 -13.74
CA VAL A 180 -30.33 41.11 -12.51
C VAL A 180 -29.40 42.13 -11.85
N HIS A 181 -29.92 43.32 -11.58
CA HIS A 181 -29.17 44.37 -10.91
C HIS A 181 -29.85 44.54 -9.54
N VAL A 182 -29.17 44.07 -8.50
CA VAL A 182 -29.68 44.14 -7.14
C VAL A 182 -28.98 45.26 -6.39
N LYS A 183 -29.73 46.30 -6.05
CA LYS A 183 -29.21 47.44 -5.28
C LYS A 183 -29.35 46.92 -3.86
N ASN A 184 -28.37 46.13 -3.46
CA ASN A 184 -28.36 45.43 -2.19
C ASN A 184 -28.03 46.21 -0.91
N TYR A 185 -28.70 47.34 -0.74
CA TYR A 185 -28.53 48.17 0.44
C TYR A 185 -29.90 48.80 0.73
N GLU A 186 -30.27 48.86 2.00
CA GLU A 186 -31.57 49.39 2.40
C GLU A 186 -32.60 48.52 1.70
N LEU A 187 -32.33 47.22 1.71
CA LEU A 187 -33.17 46.22 1.08
C LEU A 187 -32.89 44.97 1.89
N PRO A 188 -33.92 44.37 2.50
CA PRO A 188 -33.66 43.16 3.28
C PRO A 188 -33.14 42.03 2.38
N VAL A 189 -32.25 41.22 2.94
CA VAL A 189 -31.67 40.11 2.24
C VAL A 189 -32.75 39.22 1.62
N GLN A 190 -33.82 38.96 2.35
CA GLN A 190 -34.89 38.12 1.81
C GLN A 190 -35.51 38.76 0.56
N ASP A 191 -35.56 40.10 0.51
CA ASP A 191 -36.15 40.78 -0.64
C ASP A 191 -35.20 40.75 -1.85
N ALA A 192 -33.90 40.79 -1.58
CA ALA A 192 -32.91 40.75 -2.65
C ALA A 192 -32.93 39.36 -3.28
N VAL A 193 -32.93 38.32 -2.45
CA VAL A 193 -32.95 36.95 -2.94
C VAL A 193 -34.24 36.72 -3.70
N LYS A 194 -35.32 37.37 -3.26
CA LYS A 194 -36.60 37.23 -3.94
C LYS A 194 -36.53 37.88 -5.33
N GLN A 195 -35.83 39.01 -5.43
CA GLN A 195 -35.70 39.69 -6.71
C GLN A 195 -35.00 38.75 -7.69
N ILE A 196 -34.05 37.98 -7.18
CA ILE A 196 -33.34 37.02 -8.03
C ILE A 196 -34.25 35.86 -8.46
N ILE A 197 -34.89 35.21 -7.49
CA ILE A 197 -35.76 34.08 -7.80
C ILE A 197 -36.90 34.50 -8.73
N ASP A 198 -37.47 35.69 -8.50
CA ASP A 198 -38.55 36.18 -9.33
C ASP A 198 -38.08 36.29 -10.79
N TYR A 199 -36.88 36.79 -11.00
CA TYR A 199 -36.34 36.89 -12.36
C TYR A 199 -36.26 35.49 -12.98
N LEU A 200 -35.63 34.55 -12.27
CA LEU A 200 -35.51 33.17 -12.75
C LEU A 200 -36.89 32.63 -13.19
N ASP A 201 -37.94 32.94 -12.43
CA ASP A 201 -39.28 32.48 -12.77
C ASP A 201 -39.80 33.14 -14.05
N THR A 202 -39.45 34.40 -14.28
CA THR A 202 -39.90 35.08 -15.49
C THR A 202 -39.29 34.43 -16.74
N LYS A 203 -38.19 33.69 -16.56
CA LYS A 203 -37.52 33.01 -17.67
C LYS A 203 -37.93 31.55 -17.65
N GLY A 204 -38.75 31.18 -16.69
CA GLY A 204 -39.18 29.81 -16.59
C GLY A 204 -38.00 28.89 -16.31
N TYR A 205 -36.95 29.41 -15.68
CA TYR A 205 -35.78 28.56 -15.37
C TYR A 205 -36.06 27.63 -14.20
N LEU A 206 -37.20 27.78 -13.54
CA LEU A 206 -37.52 26.94 -12.39
C LEU A 206 -38.82 26.13 -12.45
N PRO A 207 -38.86 24.99 -11.76
CA PRO A 207 -40.04 24.12 -11.73
C PRO A 207 -41.20 24.87 -11.08
N ALA A 208 -42.40 24.31 -11.20
CA ALA A 208 -43.61 24.93 -10.64
C ALA A 208 -43.50 25.22 -9.14
N LYS A 209 -44.13 26.32 -8.73
CA LYS A 209 -44.17 26.84 -7.36
C LYS A 209 -43.32 28.10 -7.22
N THR B 6 -34.82 36.97 8.97
CA THR B 6 -35.70 35.87 8.49
C THR B 6 -35.07 35.22 7.25
N PHE B 7 -33.78 34.92 7.34
CA PHE B 7 -33.05 34.27 6.25
C PHE B 7 -31.91 33.44 6.85
N HIS B 8 -31.32 32.57 6.06
CA HIS B 8 -30.24 31.69 6.51
C HIS B 8 -28.86 32.34 6.42
N ALA B 9 -28.18 32.45 7.56
CA ALA B 9 -26.84 33.02 7.60
C ALA B 9 -25.81 31.92 7.36
N SER B 10 -26.21 30.67 7.63
CA SER B 10 -25.35 29.50 7.46
C SER B 10 -25.71 28.71 6.20
N ALA B 11 -24.69 28.29 5.46
CA ALA B 11 -24.91 27.52 4.24
C ALA B 11 -25.47 26.13 4.54
N LEU B 12 -26.24 25.58 3.61
CA LEU B 12 -26.82 24.25 3.75
C LEU B 12 -25.75 23.26 4.21
N THR B 13 -26.12 22.36 5.11
CA THR B 13 -25.18 21.36 5.60
C THR B 13 -25.38 20.12 4.71
N ARG B 14 -24.41 19.20 4.73
CA ARG B 14 -24.53 17.98 3.93
C ARG B 14 -25.76 17.22 4.37
N SER B 15 -25.93 17.08 5.68
CA SER B 15 -27.07 16.39 6.26
C SER B 15 -28.38 16.94 5.72
N GLU B 16 -28.49 18.27 5.66
CA GLU B 16 -29.70 18.92 5.17
C GLU B 16 -29.86 18.78 3.65
N ARG B 17 -28.75 18.92 2.93
CA ARG B 17 -28.79 18.79 1.48
C ARG B 17 -29.15 17.34 1.14
N THR B 18 -28.68 16.40 1.95
CA THR B 18 -28.97 14.99 1.74
C THR B 18 -30.46 14.72 1.93
N GLU B 19 -31.04 15.27 3.00
CA GLU B 19 -32.47 15.10 3.25
C GLU B 19 -33.22 15.68 2.04
N LEU B 20 -32.99 16.97 1.81
CA LEU B 20 -33.64 17.70 0.71
C LEU B 20 -33.44 17.13 -0.70
N ARG B 21 -32.27 16.56 -0.98
CA ARG B 21 -31.97 16.01 -2.30
C ARG B 21 -32.35 14.52 -2.42
N ASN B 22 -32.62 13.89 -1.28
CA ASN B 22 -32.98 12.47 -1.21
C ASN B 22 -31.94 11.51 -1.80
N GLN B 23 -30.66 11.83 -1.59
CA GLN B 23 -29.59 10.97 -2.08
C GLN B 23 -28.26 11.40 -1.47
N ARG B 24 -27.30 10.47 -1.49
CA ARG B 24 -25.98 10.73 -0.97
C ARG B 24 -25.12 11.14 -2.15
N GLY B 25 -24.00 11.79 -1.85
CA GLY B 25 -23.09 12.21 -2.89
C GLY B 25 -21.87 11.31 -2.77
N LEU B 26 -21.22 11.04 -3.89
CA LEU B 26 -20.05 10.19 -3.88
C LEU B 26 -19.37 10.23 -5.26
N THR B 27 -18.17 9.68 -5.34
CA THR B 27 -17.44 9.65 -6.60
C THR B 27 -17.11 8.22 -6.99
N ILE B 28 -17.44 7.88 -8.22
CA ILE B 28 -17.19 6.56 -8.77
C ILE B 28 -16.05 6.78 -9.76
N TRP B 29 -14.84 6.37 -9.35
CA TRP B 29 -13.65 6.57 -10.17
C TRP B 29 -13.29 5.35 -11.03
N LEU B 30 -13.47 5.47 -12.34
CA LEU B 30 -13.12 4.36 -13.23
C LEU B 30 -11.64 4.48 -13.60
N THR B 31 -10.94 3.37 -13.65
CA THR B 31 -9.54 3.37 -14.05
C THR B 31 -9.28 2.09 -14.86
N GLY B 32 -8.48 2.24 -15.91
CA GLY B 32 -8.20 1.11 -16.78
C GLY B 32 -7.62 1.62 -18.09
N LEU B 33 -7.02 0.68 -18.83
CA LEU B 33 -6.37 0.97 -20.11
C LEU B 33 -7.24 1.65 -21.14
N SER B 34 -6.59 2.22 -22.15
CA SER B 34 -7.31 2.84 -23.23
C SER B 34 -8.04 1.67 -23.90
N ALA B 35 -9.31 1.88 -24.25
CA ALA B 35 -10.18 0.88 -24.88
C ALA B 35 -10.63 -0.24 -23.94
N SER B 36 -10.43 -0.07 -22.63
CA SER B 36 -10.84 -1.09 -21.67
C SER B 36 -12.37 -1.07 -21.54
N GLY B 37 -12.99 0.03 -21.98
CA GLY B 37 -14.44 0.18 -21.93
C GLY B 37 -14.98 1.15 -20.90
N LYS B 38 -14.13 2.00 -20.34
CA LYS B 38 -14.57 2.97 -19.32
C LYS B 38 -15.73 3.91 -19.73
N SER B 39 -15.65 4.58 -20.87
CA SER B 39 -16.74 5.50 -21.27
C SER B 39 -18.04 4.76 -21.49
N THR B 40 -17.95 3.59 -22.12
CA THR B 40 -19.13 2.78 -22.38
C THR B 40 -19.83 2.47 -21.05
N LEU B 41 -19.04 2.06 -20.07
CA LEU B 41 -19.59 1.77 -18.77
C LEU B 41 -20.12 3.04 -18.10
N ALA B 42 -19.39 4.14 -18.26
CA ALA B 42 -19.78 5.41 -17.64
C ALA B 42 -21.13 5.88 -18.19
N VAL B 43 -21.26 5.86 -19.50
CA VAL B 43 -22.50 6.30 -20.14
C VAL B 43 -23.70 5.48 -19.68
N GLU B 44 -23.59 4.15 -19.76
CA GLU B 44 -24.70 3.30 -19.35
C GLU B 44 -24.97 3.43 -17.86
N LEU B 45 -23.92 3.57 -17.07
CA LEU B 45 -24.07 3.72 -15.62
C LEU B 45 -24.85 5.01 -15.33
N GLU B 46 -24.47 6.09 -16.00
CA GLU B 46 -25.13 7.37 -15.79
C GLU B 46 -26.61 7.26 -16.20
N HIS B 47 -26.88 6.57 -17.30
CA HIS B 47 -28.26 6.39 -17.76
C HIS B 47 -29.07 5.72 -16.67
N GLN B 48 -28.57 4.60 -16.17
CA GLN B 48 -29.27 3.86 -15.12
C GLN B 48 -29.46 4.63 -13.82
N LEU B 49 -28.42 5.30 -13.34
CA LEU B 49 -28.54 6.06 -12.10
C LEU B 49 -29.55 7.21 -12.22
N VAL B 50 -29.47 7.97 -13.30
CA VAL B 50 -30.39 9.09 -13.49
C VAL B 50 -31.81 8.66 -13.85
N ARG B 51 -31.92 7.70 -14.77
CA ARG B 51 -33.22 7.23 -15.22
C ARG B 51 -33.91 6.24 -14.29
N ASP B 52 -33.30 5.07 -14.11
CA ASP B 52 -33.92 4.04 -13.28
C ASP B 52 -33.85 4.26 -11.77
N ARG B 53 -32.78 4.88 -11.27
CA ARG B 53 -32.70 5.10 -9.82
C ARG B 53 -33.17 6.49 -9.41
N ARG B 54 -33.41 7.33 -10.41
CA ARG B 54 -33.88 8.68 -10.17
C ARG B 54 -32.98 9.65 -9.42
N VAL B 55 -31.66 9.51 -9.55
CA VAL B 55 -30.76 10.43 -8.84
C VAL B 55 -29.99 11.33 -9.76
N HIS B 56 -29.30 12.29 -9.16
CA HIS B 56 -28.49 13.22 -9.91
C HIS B 56 -27.07 12.63 -10.01
N ALA B 57 -26.62 12.38 -11.21
CA ALA B 57 -25.29 11.84 -11.42
C ALA B 57 -24.74 12.56 -12.65
N TYR B 58 -23.42 12.65 -12.78
CA TYR B 58 -22.83 13.33 -13.92
C TYR B 58 -21.51 12.69 -14.31
N ARG B 59 -21.31 12.45 -15.59
CA ARG B 59 -20.07 11.86 -16.08
C ARG B 59 -19.01 12.91 -16.37
N LEU B 60 -17.80 12.68 -15.89
CA LEU B 60 -16.68 13.56 -16.20
C LEU B 60 -15.82 12.62 -17.08
N ASP B 61 -15.71 12.98 -18.35
CA ASP B 61 -15.01 12.14 -19.33
C ASP B 61 -14.09 13.05 -20.13
N GLY B 62 -13.43 12.50 -21.13
CA GLY B 62 -12.53 13.30 -21.94
C GLY B 62 -13.31 14.43 -22.60
N ASP B 63 -14.47 14.07 -23.14
CA ASP B 63 -15.32 15.02 -23.83
C ASP B 63 -15.49 16.40 -23.16
N ASN B 64 -16.16 16.44 -22.01
CA ASN B 64 -16.39 17.71 -21.35
C ASN B 64 -15.21 18.26 -20.54
N ILE B 65 -14.13 17.51 -20.44
CA ILE B 65 -12.97 18.00 -19.68
C ILE B 65 -11.76 18.42 -20.49
N ARG B 66 -11.32 17.55 -21.41
CA ARG B 66 -10.15 17.84 -22.23
C ARG B 66 -10.24 19.09 -23.08
N PHE B 67 -11.44 19.50 -23.49
CA PHE B 67 -11.60 20.69 -24.32
C PHE B 67 -12.02 21.91 -23.53
N GLY B 68 -12.24 21.73 -22.23
CA GLY B 68 -12.66 22.84 -21.40
C GLY B 68 -11.70 23.12 -20.27
N LEU B 69 -12.08 22.70 -19.07
CA LEU B 69 -11.26 22.91 -17.88
C LEU B 69 -9.79 22.52 -18.10
N ASN B 70 -9.54 21.35 -18.67
CA ASN B 70 -8.15 20.92 -18.88
C ASN B 70 -7.60 21.02 -20.30
N LYS B 71 -8.12 21.96 -21.09
CA LYS B 71 -7.65 22.13 -22.46
C LYS B 71 -6.20 22.61 -22.51
N ASP B 72 -5.75 23.26 -21.44
CA ASP B 72 -4.38 23.80 -21.37
C ASP B 72 -3.33 22.74 -21.02
N LEU B 73 -3.80 21.54 -20.71
CA LEU B 73 -2.88 20.49 -20.35
C LEU B 73 -2.48 19.60 -21.50
N GLY B 74 -1.16 19.46 -21.64
CA GLY B 74 -0.58 18.64 -22.68
C GLY B 74 -0.28 17.25 -22.18
N PHE B 75 0.99 16.85 -22.23
CA PHE B 75 1.36 15.51 -21.80
C PHE B 75 2.58 15.33 -20.90
N SER B 76 3.25 16.41 -20.55
CA SER B 76 4.40 16.29 -19.66
C SER B 76 3.82 15.62 -18.41
N GLU B 77 4.63 14.89 -17.66
CA GLU B 77 4.09 14.23 -16.47
C GLU B 77 3.54 15.24 -15.47
N ALA B 78 4.11 16.43 -15.44
CA ALA B 78 3.61 17.45 -14.54
C ALA B 78 2.16 17.74 -14.92
N ASP B 79 1.86 17.56 -16.21
CA ASP B 79 0.53 17.76 -16.78
C ASP B 79 -0.44 16.60 -16.54
N ARG B 80 0.04 15.36 -16.66
CA ARG B 80 -0.87 14.23 -16.42
C ARG B 80 -1.24 14.19 -14.94
N ASN B 81 -0.33 14.63 -14.07
CA ASN B 81 -0.62 14.65 -12.63
C ASN B 81 -1.68 15.74 -12.39
N GLU B 82 -1.45 16.92 -12.99
CA GLU B 82 -2.36 18.04 -12.84
C GLU B 82 -3.76 17.70 -13.38
N ASN B 83 -3.79 17.05 -14.55
CA ASN B 83 -5.06 16.64 -15.17
C ASN B 83 -5.90 15.85 -14.15
N ILE B 84 -5.25 14.88 -13.52
CA ILE B 84 -5.90 14.03 -12.53
C ILE B 84 -6.29 14.82 -11.31
N ARG B 85 -5.39 15.68 -10.83
CA ARG B 85 -5.68 16.46 -9.63
C ARG B 85 -6.94 17.31 -9.81
N ARG B 86 -7.01 18.04 -10.92
CA ARG B 86 -8.17 18.90 -11.15
C ARG B 86 -9.45 18.10 -11.24
N ILE B 87 -9.40 16.98 -11.95
CA ILE B 87 -10.57 16.12 -12.12
C ILE B 87 -11.05 15.65 -10.77
N ALA B 88 -10.10 15.32 -9.90
CA ALA B 88 -10.43 14.84 -8.55
C ALA B 88 -11.12 15.96 -7.76
N GLU B 89 -10.61 17.18 -7.88
CA GLU B 89 -11.23 18.28 -7.14
C GLU B 89 -12.64 18.55 -7.69
N VAL B 90 -12.81 18.49 -9.02
CA VAL B 90 -14.14 18.72 -9.59
C VAL B 90 -15.11 17.61 -9.14
N ALA B 91 -14.63 16.37 -9.13
CA ALA B 91 -15.46 15.24 -8.71
C ALA B 91 -15.93 15.45 -7.27
N LYS B 92 -15.02 15.94 -6.43
CA LYS B 92 -15.33 16.18 -5.02
C LYS B 92 -16.43 17.22 -4.85
N LEU B 93 -16.38 18.28 -5.65
CA LEU B 93 -17.38 19.34 -5.59
C LEU B 93 -18.72 18.72 -5.95
N PHE B 94 -18.73 17.88 -6.98
CA PHE B 94 -19.96 17.23 -7.36
C PHE B 94 -20.48 16.35 -6.20
N ALA B 95 -19.60 15.54 -5.60
CA ALA B 95 -20.02 14.71 -4.49
C ALA B 95 -20.53 15.59 -3.36
N ASP B 96 -19.81 16.68 -3.08
CA ASP B 96 -20.20 17.60 -2.03
C ASP B 96 -21.61 18.16 -2.29
N SER B 97 -21.98 18.28 -3.56
CA SER B 97 -23.30 18.82 -3.91
C SER B 97 -24.38 17.74 -3.84
N ASN B 98 -23.98 16.56 -3.40
CA ASN B 98 -24.86 15.40 -3.31
C ASN B 98 -25.25 14.90 -4.69
N SER B 99 -24.22 14.79 -5.53
CA SER B 99 -24.38 14.25 -6.86
C SER B 99 -23.45 13.05 -6.86
N ILE B 100 -23.67 12.13 -7.80
CA ILE B 100 -22.78 10.98 -7.91
C ILE B 100 -21.93 11.28 -9.14
N ALA B 101 -20.67 11.61 -8.91
CA ALA B 101 -19.74 11.91 -10.02
C ALA B 101 -19.24 10.58 -10.55
N ILE B 102 -19.07 10.50 -11.87
CA ILE B 102 -18.57 9.30 -12.52
C ILE B 102 -17.42 9.76 -13.39
N THR B 103 -16.19 9.43 -13.02
CA THR B 103 -15.05 9.85 -13.82
C THR B 103 -14.49 8.68 -14.60
N SER B 104 -14.06 8.93 -15.84
CA SER B 104 -13.49 7.88 -16.64
C SER B 104 -12.25 8.37 -17.36
N PHE B 105 -11.12 8.20 -16.69
CA PHE B 105 -9.82 8.58 -17.20
C PHE B 105 -8.92 7.38 -16.88
N ILE B 106 -7.99 7.09 -17.78
CA ILE B 106 -7.06 5.97 -17.58
C ILE B 106 -6.47 5.99 -16.17
N SER B 107 -6.01 7.15 -15.73
CA SER B 107 -5.43 7.34 -14.41
C SER B 107 -4.55 6.13 -14.08
N PRO B 108 -3.48 5.95 -14.86
CA PRO B 108 -2.48 4.88 -14.79
C PRO B 108 -1.68 4.70 -13.51
N TYR B 109 -1.40 5.80 -12.82
CA TYR B 109 -0.60 5.76 -11.59
C TYR B 109 -1.39 5.60 -10.31
N ARG B 110 -1.00 4.63 -9.49
CA ARG B 110 -1.69 4.40 -8.21
C ARG B 110 -1.71 5.67 -7.41
N LYS B 111 -0.59 6.39 -7.47
CA LYS B 111 -0.38 7.64 -6.76
C LYS B 111 -1.46 8.68 -7.01
N ASP B 112 -1.85 8.84 -8.26
CA ASP B 112 -2.87 9.82 -8.60
C ASP B 112 -4.23 9.42 -8.06
N ARG B 113 -4.61 8.17 -8.28
CA ARG B 113 -5.89 7.69 -7.79
C ARG B 113 -5.90 7.77 -6.27
N ASP B 114 -4.76 7.44 -5.64
CA ASP B 114 -4.67 7.49 -4.19
C ASP B 114 -4.84 8.95 -3.72
N THR B 115 -4.21 9.87 -4.45
CA THR B 115 -4.33 11.29 -4.12
C THR B 115 -5.79 11.73 -4.29
N ALA B 116 -6.44 11.25 -5.35
CA ALA B 116 -7.84 11.58 -5.62
C ALA B 116 -8.70 11.08 -4.48
N ARG B 117 -8.45 9.83 -4.07
CA ARG B 117 -9.17 9.20 -2.98
C ARG B 117 -9.07 9.96 -1.65
N GLN B 118 -7.85 10.30 -1.25
CA GLN B 118 -7.67 11.01 0.02
C GLN B 118 -8.33 12.38 -0.01
N LEU B 119 -8.43 12.95 -1.20
CA LEU B 119 -9.07 14.25 -1.38
C LEU B 119 -10.51 14.09 -0.93
N HIS B 120 -11.06 12.89 -1.16
CA HIS B 120 -12.44 12.59 -0.78
C HIS B 120 -12.63 12.05 0.63
N GLU B 121 -11.83 11.04 1.01
CA GLU B 121 -11.95 10.42 2.33
C GLU B 121 -11.41 11.24 3.49
N VAL B 122 -10.51 12.17 3.20
CA VAL B 122 -9.94 13.01 4.24
C VAL B 122 -11.01 13.96 4.77
N THR B 129 -18.74 12.73 7.46
CA THR B 129 -17.32 13.09 7.35
C THR B 129 -16.74 12.49 6.07
N GLY B 130 -16.14 13.35 5.24
CA GLY B 130 -15.55 12.87 4.00
C GLY B 130 -16.54 12.26 3.03
N LEU B 131 -16.14 12.14 1.76
CA LEU B 131 -17.01 11.57 0.73
C LEU B 131 -16.53 10.18 0.30
N PRO B 132 -17.46 9.29 -0.05
CA PRO B 132 -17.06 7.94 -0.48
C PRO B 132 -16.36 8.02 -1.83
N PHE B 133 -15.35 7.17 -2.02
CA PHE B 133 -14.59 7.11 -3.26
C PHE B 133 -14.59 5.65 -3.70
N VAL B 134 -15.38 5.35 -4.73
CA VAL B 134 -15.52 4.01 -5.24
C VAL B 134 -14.62 3.80 -6.47
N GLU B 135 -13.44 3.24 -6.25
CA GLU B 135 -12.50 2.97 -7.31
C GLU B 135 -12.90 1.70 -8.05
N VAL B 136 -13.20 1.86 -9.33
CA VAL B 136 -13.61 0.75 -10.18
C VAL B 136 -12.51 0.44 -11.17
N TYR B 137 -11.97 -0.77 -11.10
CA TYR B 137 -10.91 -1.19 -12.02
C TYR B 137 -11.61 -1.82 -13.22
N VAL B 138 -11.58 -1.13 -14.36
CA VAL B 138 -12.20 -1.63 -15.58
C VAL B 138 -11.02 -2.37 -16.19
N ASP B 139 -10.99 -3.66 -15.92
CA ASP B 139 -9.86 -4.49 -16.30
C ASP B 139 -9.98 -5.40 -17.51
N VAL B 140 -9.03 -5.23 -18.43
CA VAL B 140 -8.92 -6.11 -19.59
C VAL B 140 -7.43 -6.28 -19.80
N PRO B 141 -6.99 -7.48 -20.21
CA PRO B 141 -5.55 -7.60 -20.42
C PRO B 141 -5.27 -6.71 -21.63
N VAL B 142 -4.05 -6.22 -21.75
CA VAL B 142 -3.69 -5.33 -22.85
C VAL B 142 -3.98 -5.91 -24.25
N GLU B 143 -3.81 -7.22 -24.43
CA GLU B 143 -4.11 -7.82 -25.73
C GLU B 143 -5.58 -7.60 -26.14
N VAL B 144 -6.48 -7.58 -25.17
CA VAL B 144 -7.90 -7.38 -25.46
C VAL B 144 -8.14 -5.95 -25.90
N ALA B 145 -7.57 -5.00 -25.16
CA ALA B 145 -7.70 -3.59 -25.51
C ALA B 145 -7.10 -3.37 -26.91
N GLU B 146 -5.89 -3.89 -27.10
CA GLU B 146 -5.21 -3.71 -28.39
C GLU B 146 -6.00 -4.32 -29.57
N GLN B 147 -6.78 -5.37 -29.35
CA GLN B 147 -7.57 -5.94 -30.46
C GLN B 147 -8.84 -5.11 -30.70
N ARG B 148 -9.28 -4.34 -29.72
CA ARG B 148 -10.46 -3.49 -29.90
C ARG B 148 -9.98 -2.26 -30.68
N ASP B 149 -8.99 -1.56 -30.12
CA ASP B 149 -8.38 -0.37 -30.71
C ASP B 149 -9.34 0.39 -31.62
N PRO B 150 -10.50 0.82 -31.09
CA PRO B 150 -11.51 1.54 -31.86
C PRO B 150 -11.06 2.84 -32.53
N LYS B 151 -10.01 3.45 -32.02
CA LYS B 151 -9.56 4.71 -32.63
C LYS B 151 -8.15 4.60 -33.21
N GLY B 152 -7.67 3.37 -33.36
CA GLY B 152 -6.35 3.14 -33.91
C GLY B 152 -5.20 3.67 -33.07
N LEU B 153 -5.49 4.02 -31.83
CA LEU B 153 -4.46 4.56 -30.94
C LEU B 153 -3.35 3.57 -30.64
N TYR B 154 -3.71 2.31 -30.44
CA TYR B 154 -2.70 1.29 -30.17
C TYR B 154 -1.78 1.14 -31.38
N LYS B 155 -2.36 1.10 -32.57
CA LYS B 155 -1.56 0.97 -33.78
C LYS B 155 -0.56 2.14 -33.80
N LYS B 156 -1.03 3.36 -33.56
CA LYS B 156 -0.13 4.51 -33.54
C LYS B 156 0.95 4.36 -32.46
N ALA B 157 0.59 3.83 -31.28
CA ALA B 157 1.58 3.65 -30.21
C ALA B 157 2.66 2.64 -30.64
N ARG B 158 2.24 1.55 -31.27
CA ARG B 158 3.18 0.52 -31.74
C ARG B 158 4.16 1.12 -32.74
N GLU B 159 3.69 2.04 -33.58
CA GLU B 159 4.55 2.66 -34.60
C GLU B 159 5.36 3.85 -34.08
N GLY B 160 5.20 4.18 -32.81
CA GLY B 160 5.94 5.32 -32.27
C GLY B 160 5.38 6.68 -32.67
N VAL B 161 4.18 6.68 -33.24
CA VAL B 161 3.52 7.92 -33.65
C VAL B 161 3.00 8.62 -32.38
N ILE B 162 2.63 7.82 -31.39
CA ILE B 162 2.19 8.37 -30.10
C ILE B 162 3.16 7.78 -29.08
N LYS B 163 3.86 8.65 -28.35
CA LYS B 163 4.83 8.21 -27.35
C LYS B 163 4.19 8.07 -25.97
N GLU B 164 4.90 7.38 -25.09
CA GLU B 164 4.42 7.19 -23.73
C GLU B 164 2.95 6.85 -23.69
N PHE B 165 2.58 5.81 -24.43
CA PHE B 165 1.18 5.35 -24.47
C PHE B 165 0.95 4.27 -23.41
N THR B 166 0.01 4.54 -22.50
CA THR B 166 -0.29 3.63 -21.41
C THR B 166 -0.46 2.18 -21.83
N GLY B 167 0.28 1.30 -21.17
CA GLY B 167 0.17 -0.12 -21.48
C GLY B 167 1.03 -0.61 -22.63
N ILE B 168 1.64 0.32 -23.36
CA ILE B 168 2.49 -0.04 -24.48
C ILE B 168 3.87 0.54 -24.30
N SER B 169 3.94 1.85 -24.12
CA SER B 169 5.21 2.55 -23.96
C SER B 169 5.27 3.38 -22.69
N ALA B 170 4.32 3.12 -21.80
CA ALA B 170 4.21 3.78 -20.51
C ALA B 170 3.50 2.75 -19.62
N PRO B 171 3.69 2.84 -18.31
CA PRO B 171 3.05 1.87 -17.43
C PRO B 171 1.61 2.13 -16.99
N TYR B 172 0.96 1.05 -16.57
CA TYR B 172 -0.38 1.15 -16.01
C TYR B 172 -0.25 0.41 -14.68
N GLU B 173 -0.47 1.13 -13.59
CA GLU B 173 -0.38 0.52 -12.27
C GLU B 173 -1.77 0.12 -11.82
N ALA B 174 -2.09 -1.16 -11.95
CA ALA B 174 -3.40 -1.66 -11.58
C ALA B 174 -3.68 -1.48 -10.09
N PRO B 175 -4.95 -1.17 -9.76
CA PRO B 175 -5.29 -1.00 -8.34
C PRO B 175 -5.20 -2.36 -7.66
N ALA B 176 -4.54 -2.38 -6.51
CA ALA B 176 -4.38 -3.62 -5.75
C ALA B 176 -5.69 -4.04 -5.11
N ASN B 177 -6.36 -3.08 -4.47
CA ASN B 177 -7.61 -3.38 -3.78
C ASN B 177 -8.69 -2.35 -4.10
N PRO B 178 -9.25 -2.40 -5.32
CA PRO B 178 -10.30 -1.46 -5.73
C PRO B 178 -11.64 -1.92 -5.19
N GLU B 179 -12.56 -0.98 -4.94
CA GLU B 179 -13.88 -1.33 -4.42
C GLU B 179 -14.62 -2.29 -5.35
N VAL B 180 -14.43 -2.11 -6.64
CA VAL B 180 -15.08 -2.96 -7.62
C VAL B 180 -14.07 -3.34 -8.69
N HIS B 181 -13.98 -4.63 -8.98
CA HIS B 181 -13.05 -5.11 -10.00
C HIS B 181 -13.88 -5.71 -11.12
N VAL B 182 -13.93 -5.02 -12.26
CA VAL B 182 -14.70 -5.49 -13.41
C VAL B 182 -13.80 -6.11 -14.49
N LYS B 183 -13.95 -7.41 -14.69
CA LYS B 183 -13.18 -8.10 -15.71
C LYS B 183 -13.96 -7.85 -16.98
N ASN B 184 -13.77 -6.64 -17.50
CA ASN B 184 -14.50 -6.15 -18.64
C ASN B 184 -14.20 -6.65 -20.06
N TYR B 185 -14.12 -7.97 -20.22
CA TYR B 185 -13.87 -8.62 -21.52
C TYR B 185 -14.84 -9.80 -21.70
N GLU B 186 -15.32 -9.99 -22.94
CA GLU B 186 -16.29 -11.04 -23.24
C GLU B 186 -17.35 -10.98 -22.14
N LEU B 187 -17.77 -9.75 -21.86
CA LEU B 187 -18.77 -9.46 -20.82
C LEU B 187 -19.75 -8.40 -21.30
N PRO B 188 -21.06 -8.69 -21.25
CA PRO B 188 -22.04 -7.69 -21.70
C PRO B 188 -21.98 -6.44 -20.82
N VAL B 189 -22.11 -5.28 -21.45
CA VAL B 189 -22.08 -4.01 -20.71
C VAL B 189 -23.10 -4.01 -19.57
N GLN B 190 -24.29 -4.56 -19.83
CA GLN B 190 -25.32 -4.59 -18.80
C GLN B 190 -24.85 -5.35 -17.55
N ASP B 191 -24.16 -6.47 -17.75
CA ASP B 191 -23.67 -7.24 -16.62
C ASP B 191 -22.62 -6.45 -15.83
N ALA B 192 -21.74 -5.73 -16.53
CA ALA B 192 -20.70 -4.94 -15.88
C ALA B 192 -21.30 -3.80 -15.04
N VAL B 193 -22.24 -3.06 -15.63
CA VAL B 193 -22.87 -1.95 -14.93
C VAL B 193 -23.59 -2.47 -13.70
N LYS B 194 -24.26 -3.63 -13.86
CA LYS B 194 -24.97 -4.22 -12.75
C LYS B 194 -24.01 -4.54 -11.61
N GLN B 195 -22.79 -4.96 -11.96
CA GLN B 195 -21.83 -5.28 -10.92
C GLN B 195 -21.53 -4.06 -10.06
N ILE B 196 -21.42 -2.91 -10.73
CA ILE B 196 -21.13 -1.66 -10.05
C ILE B 196 -22.30 -1.20 -9.19
N ILE B 197 -23.48 -1.17 -9.79
CA ILE B 197 -24.69 -0.75 -9.09
C ILE B 197 -24.96 -1.69 -7.90
N ASP B 198 -24.79 -2.99 -8.08
CA ASP B 198 -25.02 -3.90 -6.96
C ASP B 198 -24.06 -3.56 -5.82
N TYR B 199 -22.80 -3.27 -6.13
CA TYR B 199 -21.86 -2.94 -5.07
C TYR B 199 -22.33 -1.69 -4.33
N LEU B 200 -22.85 -0.73 -5.09
CA LEU B 200 -23.34 0.51 -4.51
C LEU B 200 -24.49 0.27 -3.53
N ASP B 201 -25.36 -0.70 -3.86
CA ASP B 201 -26.47 -0.99 -2.96
C ASP B 201 -25.96 -1.68 -1.69
N THR B 202 -24.97 -2.56 -1.83
CA THR B 202 -24.45 -3.23 -0.63
C THR B 202 -23.90 -2.21 0.34
N LYS B 203 -23.58 -1.02 -0.15
CA LYS B 203 -23.04 0.02 0.73
C LYS B 203 -24.14 1.02 1.10
N GLY B 204 -25.33 0.81 0.53
CA GLY B 204 -26.47 1.68 0.79
C GLY B 204 -26.30 3.07 0.24
N TYR B 205 -25.52 3.20 -0.83
CA TYR B 205 -25.28 4.50 -1.42
C TYR B 205 -26.44 5.05 -2.23
N LEU B 206 -27.33 4.18 -2.69
CA LEU B 206 -28.45 4.63 -3.52
C LEU B 206 -29.81 4.61 -2.83
N PRO B 207 -30.74 5.45 -3.29
CA PRO B 207 -32.03 5.39 -2.63
C PRO B 207 -32.67 4.08 -3.07
N ALA B 208 -33.82 3.74 -2.48
CA ALA B 208 -34.50 2.50 -2.81
C ALA B 208 -34.81 2.35 -4.31
N LYS B 209 -34.72 1.12 -4.79
CA LYS B 209 -35.04 0.82 -6.18
C LYS B 209 -36.50 1.17 -6.45
N LYS B 210 -36.79 1.62 -7.66
CA LYS B 210 -38.17 1.97 -8.00
C LYS B 210 -39.03 0.73 -8.17
N GLU B 211 -40.26 0.79 -7.67
CA GLU B 211 -41.19 -0.33 -7.79
C GLU B 211 -41.94 -0.22 -9.13
N THR C 6 6.14 -46.35 -0.26
CA THR C 6 6.50 -45.19 -1.14
C THR C 6 7.23 -44.11 -0.34
N PHE C 7 7.77 -43.11 -1.04
CA PHE C 7 8.49 -42.01 -0.38
C PHE C 7 8.61 -40.81 -1.32
N HIS C 8 8.74 -39.61 -0.75
CA HIS C 8 8.87 -38.40 -1.55
C HIS C 8 10.33 -38.10 -1.89
N ALA C 9 10.61 -37.97 -3.18
CA ALA C 9 11.96 -37.68 -3.64
C ALA C 9 12.12 -36.17 -3.80
N SER C 10 10.99 -35.48 -3.86
CA SER C 10 10.99 -34.03 -3.98
C SER C 10 10.77 -33.41 -2.62
N ALA C 11 11.59 -32.40 -2.30
CA ALA C 11 11.49 -31.73 -1.02
C ALA C 11 10.16 -31.03 -0.87
N LEU C 12 9.74 -30.91 0.39
CA LEU C 12 8.50 -30.25 0.76
C LEU C 12 8.50 -28.87 0.08
N THR C 13 7.43 -28.54 -0.64
CA THR C 13 7.35 -27.23 -1.31
C THR C 13 6.84 -26.19 -0.33
N ARG C 14 6.99 -24.91 -0.67
CA ARG C 14 6.51 -23.85 0.22
C ARG C 14 5.01 -23.98 0.49
N SER C 15 4.26 -24.31 -0.56
CA SER C 15 2.80 -24.47 -0.44
C SER C 15 2.47 -25.59 0.53
N GLU C 16 3.08 -26.75 0.32
CA GLU C 16 2.84 -27.90 1.18
C GLU C 16 3.21 -27.53 2.61
N ARG C 17 4.42 -27.01 2.78
CA ARG C 17 4.92 -26.60 4.09
C ARG C 17 4.00 -25.57 4.73
N THR C 18 3.51 -24.63 3.93
CA THR C 18 2.61 -23.61 4.47
C THR C 18 1.29 -24.20 4.97
N GLU C 19 0.66 -25.01 4.13
CA GLU C 19 -0.61 -25.66 4.48
C GLU C 19 -0.40 -26.61 5.65
N LEU C 20 0.73 -27.31 5.67
CA LEU C 20 1.02 -28.25 6.75
C LEU C 20 1.35 -27.55 8.06
N ARG C 21 2.12 -26.46 7.98
CA ARG C 21 2.50 -25.74 9.19
C ARG C 21 1.43 -24.73 9.65
N ASN C 22 0.45 -24.46 8.78
CA ASN C 22 -0.64 -23.54 9.08
C ASN C 22 -0.22 -22.10 9.36
N GLN C 23 0.75 -21.61 8.59
CA GLN C 23 1.25 -20.24 8.71
C GLN C 23 2.26 -19.97 7.62
N ARG C 24 2.59 -18.70 7.45
CA ARG C 24 3.56 -18.30 6.46
C ARG C 24 4.86 -18.06 7.18
N GLY C 25 5.90 -17.76 6.41
CA GLY C 25 7.20 -17.47 6.98
C GLY C 25 7.56 -16.10 6.50
N LEU C 26 8.32 -15.35 7.29
CA LEU C 26 8.74 -14.01 6.91
C LEU C 26 9.72 -13.54 7.96
N THR C 27 10.36 -12.40 7.71
CA THR C 27 11.32 -11.84 8.66
C THR C 27 10.90 -10.44 9.08
N ILE C 28 10.97 -10.19 10.38
CA ILE C 28 10.63 -8.88 10.92
C ILE C 28 11.97 -8.35 11.44
N TRP C 29 12.48 -7.34 10.74
CA TRP C 29 13.78 -6.75 11.02
C TRP C 29 13.70 -5.40 11.72
N LEU C 30 13.96 -5.40 13.02
CA LEU C 30 13.92 -4.16 13.81
C LEU C 30 15.25 -3.41 13.69
N THR C 31 15.17 -2.10 13.49
CA THR C 31 16.36 -1.28 13.41
C THR C 31 16.11 0.01 14.20
N GLY C 32 17.17 0.55 14.81
CA GLY C 32 17.04 1.74 15.62
C GLY C 32 18.20 1.89 16.60
N LEU C 33 18.25 3.06 17.23
CA LEU C 33 19.28 3.42 18.19
C LEU C 33 19.36 2.46 19.36
N SER C 34 20.50 2.52 20.06
CA SER C 34 20.74 1.72 21.25
C SER C 34 19.72 2.30 22.20
N ALA C 35 19.05 1.43 22.94
CA ALA C 35 18.03 1.84 23.89
C ALA C 35 16.72 2.37 23.25
N SER C 36 16.56 2.21 21.93
CA SER C 36 15.30 2.66 21.30
C SER C 36 14.17 1.71 21.71
N GLY C 37 14.53 0.52 22.16
CA GLY C 37 13.56 -0.46 22.60
C GLY C 37 13.41 -1.68 21.70
N LYS C 38 14.37 -1.90 20.81
CA LYS C 38 14.26 -3.04 19.88
C LYS C 38 14.07 -4.38 20.56
N SER C 39 14.93 -4.67 21.51
CA SER C 39 14.86 -5.96 22.19
C SER C 39 13.56 -6.10 23.01
N THR C 40 13.11 -5.01 23.59
CA THR C 40 11.88 -5.03 24.39
C THR C 40 10.69 -5.40 23.51
N LEU C 41 10.60 -4.76 22.36
CA LEU C 41 9.52 -5.04 21.42
C LEU C 41 9.62 -6.46 20.85
N ALA C 42 10.85 -6.90 20.55
CA ALA C 42 11.04 -8.24 19.98
C ALA C 42 10.56 -9.36 20.92
N VAL C 43 10.93 -9.26 22.19
CA VAL C 43 10.55 -10.25 23.20
C VAL C 43 9.02 -10.35 23.34
N GLU C 44 8.34 -9.23 23.47
CA GLU C 44 6.89 -9.20 23.62
C GLU C 44 6.20 -9.63 22.33
N LEU C 45 6.74 -9.20 21.18
CA LEU C 45 6.20 -9.57 19.89
C LEU C 45 6.24 -11.08 19.75
N GLU C 46 7.38 -11.66 20.13
CA GLU C 46 7.54 -13.11 20.06
C GLU C 46 6.52 -13.81 20.95
N HIS C 47 6.36 -13.29 22.17
CA HIS C 47 5.43 -13.89 23.11
C HIS C 47 4.03 -13.98 22.50
N GLN C 48 3.51 -12.86 22.02
CA GLN C 48 2.19 -12.83 21.42
C GLN C 48 2.05 -13.69 20.16
N LEU C 49 3.07 -13.72 19.32
CA LEU C 49 2.97 -14.54 18.11
C LEU C 49 2.86 -16.02 18.47
N VAL C 50 3.73 -16.48 19.35
CA VAL C 50 3.74 -17.88 19.77
C VAL C 50 2.60 -18.19 20.76
N ARG C 51 2.37 -17.26 21.69
CA ARG C 51 1.32 -17.42 22.70
C ARG C 51 -0.06 -17.20 22.10
N ASP C 52 -0.36 -15.95 21.77
CA ASP C 52 -1.66 -15.56 21.22
C ASP C 52 -2.01 -16.11 19.84
N ARG C 53 -1.11 -15.97 18.86
CA ARG C 53 -1.39 -16.45 17.51
C ARG C 53 -1.04 -17.90 17.24
N ARG C 54 -0.45 -18.57 18.23
CA ARG C 54 -0.11 -19.97 18.06
C ARG C 54 0.75 -20.30 16.85
N VAL C 55 1.64 -19.40 16.46
CA VAL C 55 2.52 -19.64 15.32
C VAL C 55 3.96 -19.91 15.79
N HIS C 56 4.85 -20.20 14.85
CA HIS C 56 6.25 -20.44 15.17
C HIS C 56 7.00 -19.15 14.85
N ALA C 57 7.63 -18.59 15.87
CA ALA C 57 8.39 -17.36 15.73
C ALA C 57 9.69 -17.56 16.52
N TYR C 58 10.76 -16.90 16.10
CA TYR C 58 12.03 -17.04 16.78
C TYR C 58 12.87 -15.76 16.66
N ARG C 59 13.45 -15.33 17.78
CA ARG C 59 14.28 -14.13 17.80
C ARG C 59 15.78 -14.39 17.60
N LEU C 60 16.37 -13.54 16.76
CA LEU C 60 17.80 -13.59 16.49
C LEU C 60 18.35 -12.25 17.03
N ASP C 61 19.33 -12.32 17.91
CA ASP C 61 19.91 -11.09 18.44
C ASP C 61 21.29 -11.38 18.99
N GLY C 62 21.91 -10.33 19.51
CA GLY C 62 23.25 -10.45 20.05
C GLY C 62 23.51 -11.68 20.92
N ASP C 63 22.60 -11.94 21.83
CA ASP C 63 22.73 -13.06 22.75
C ASP C 63 22.96 -14.41 22.08
N ASN C 64 22.14 -14.77 21.10
CA ASN C 64 22.32 -16.08 20.48
C ASN C 64 23.16 -16.07 19.20
N ILE C 65 23.59 -14.90 18.77
CA ILE C 65 24.38 -14.79 17.56
C ILE C 65 25.85 -14.44 17.81
N ARG C 66 26.09 -13.38 18.59
CA ARG C 66 27.45 -12.90 18.83
C ARG C 66 28.49 -13.90 19.33
N PHE C 67 28.10 -14.80 20.21
CA PHE C 67 29.02 -15.78 20.76
C PHE C 67 28.87 -17.16 20.13
N GLY C 68 28.09 -17.25 19.06
CA GLY C 68 27.90 -18.54 18.42
C GLY C 68 28.34 -18.45 16.98
N LEU C 69 27.36 -18.39 16.09
CA LEU C 69 27.63 -18.29 14.66
C LEU C 69 28.65 -17.20 14.32
N ASN C 70 28.51 -16.02 14.92
CA ASN C 70 29.40 -14.91 14.61
C ASN C 70 30.49 -14.60 15.65
N LYS C 71 30.82 -15.58 16.47
CA LYS C 71 31.84 -15.37 17.49
C LYS C 71 33.19 -15.01 16.86
N ASP C 72 33.34 -15.31 15.57
CA ASP C 72 34.58 -15.03 14.86
C ASP C 72 34.66 -13.61 14.27
N LEU C 73 33.57 -12.85 14.38
CA LEU C 73 33.56 -11.52 13.81
C LEU C 73 33.84 -10.40 14.81
N GLY C 74 34.63 -9.43 14.35
CA GLY C 74 35.00 -8.26 15.13
C GLY C 74 34.26 -7.02 14.67
N PHE C 75 34.89 -5.86 14.83
CA PHE C 75 34.24 -4.60 14.46
C PHE C 75 34.75 -3.92 13.19
N SER C 76 35.61 -4.59 12.46
CA SER C 76 36.13 -4.04 11.21
C SER C 76 34.95 -3.91 10.23
N GLU C 77 35.15 -3.14 9.16
CA GLU C 77 34.09 -2.98 8.18
C GLU C 77 33.70 -4.32 7.56
N ALA C 78 34.70 -5.08 7.13
CA ALA C 78 34.45 -6.39 6.54
C ALA C 78 33.63 -7.27 7.49
N ASP C 79 34.02 -7.28 8.76
CA ASP C 79 33.32 -8.09 9.76
C ASP C 79 31.91 -7.57 10.06
N ARG C 80 31.73 -6.26 10.08
CA ARG C 80 30.41 -5.70 10.35
C ARG C 80 29.44 -6.07 9.23
N ASN C 81 29.91 -6.04 7.99
CA ASN C 81 29.06 -6.40 6.87
C ASN C 81 28.78 -7.90 6.89
N GLU C 82 29.80 -8.70 7.22
CA GLU C 82 29.63 -10.14 7.27
C GLU C 82 28.68 -10.49 8.42
N ASN C 83 28.68 -9.68 9.48
CA ASN C 83 27.79 -9.92 10.61
C ASN C 83 26.34 -9.85 10.11
N ILE C 84 26.04 -8.77 9.39
CA ILE C 84 24.71 -8.54 8.85
C ILE C 84 24.32 -9.59 7.82
N ARG C 85 25.24 -9.94 6.91
CA ARG C 85 24.95 -10.92 5.87
C ARG C 85 24.55 -12.25 6.49
N ARG C 86 25.37 -12.74 7.43
CA ARG C 86 25.06 -14.01 8.07
C ARG C 86 23.71 -13.95 8.81
N ILE C 87 23.47 -12.89 9.57
CA ILE C 87 22.20 -12.77 10.30
C ILE C 87 21.03 -12.84 9.33
N ALA C 88 21.15 -12.13 8.20
CA ALA C 88 20.10 -12.11 7.20
C ALA C 88 19.87 -13.49 6.54
N GLU C 89 20.94 -14.18 6.20
CA GLU C 89 20.80 -15.49 5.60
C GLU C 89 20.12 -16.41 6.61
N VAL C 90 20.41 -16.23 7.90
CA VAL C 90 19.82 -17.08 8.90
C VAL C 90 18.33 -16.80 9.06
N ALA C 91 17.97 -15.52 9.10
CA ALA C 91 16.57 -15.11 9.20
C ALA C 91 15.82 -15.71 8.00
N LYS C 92 16.45 -15.67 6.83
CA LYS C 92 15.85 -16.18 5.61
C LYS C 92 15.56 -17.69 5.72
N LEU C 93 16.47 -18.44 6.35
CA LEU C 93 16.27 -19.87 6.54
C LEU C 93 15.05 -20.13 7.43
N PHE C 94 14.94 -19.37 8.52
CA PHE C 94 13.81 -19.52 9.42
C PHE C 94 12.54 -19.16 8.64
N ALA C 95 12.59 -18.12 7.82
CA ALA C 95 11.41 -17.73 7.05
C ALA C 95 11.07 -18.83 6.03
N ASP C 96 12.10 -19.47 5.48
CA ASP C 96 11.90 -20.53 4.50
C ASP C 96 11.27 -21.74 5.19
N SER C 97 11.57 -21.90 6.47
CA SER C 97 11.00 -23.02 7.22
C SER C 97 9.57 -22.70 7.67
N ASN C 98 9.04 -21.56 7.24
CA ASN C 98 7.70 -21.11 7.62
C ASN C 98 7.59 -20.72 9.09
N SER C 99 8.59 -19.97 9.51
CA SER C 99 8.67 -19.44 10.85
C SER C 99 8.78 -17.95 10.67
N ILE C 100 8.52 -17.21 11.73
CA ILE C 100 8.65 -15.77 11.66
C ILE C 100 9.90 -15.39 12.43
N ALA C 101 10.91 -14.94 11.70
CA ALA C 101 12.17 -14.54 12.30
C ALA C 101 12.07 -13.09 12.76
N ILE C 102 12.53 -12.82 13.97
CA ILE C 102 12.50 -11.46 14.51
C ILE C 102 13.95 -11.10 14.84
N THR C 103 14.47 -10.07 14.21
CA THR C 103 15.85 -9.67 14.49
C THR C 103 15.89 -8.32 15.16
N SER C 104 16.80 -8.15 16.12
CA SER C 104 16.92 -6.86 16.79
C SER C 104 18.40 -6.49 16.87
N PHE C 105 18.88 -5.89 15.80
CA PHE C 105 20.24 -5.42 15.71
C PHE C 105 20.10 -3.97 15.27
N ILE C 106 20.94 -3.12 15.86
CA ILE C 106 20.93 -1.70 15.55
C ILE C 106 20.91 -1.47 14.03
N SER C 107 21.71 -2.27 13.30
CA SER C 107 21.82 -2.15 11.84
C SER C 107 21.68 -0.68 11.45
N PRO C 108 22.64 0.16 11.88
CA PRO C 108 22.68 1.61 11.64
C PRO C 108 22.72 2.14 10.20
N TYR C 109 23.22 1.35 9.26
CA TYR C 109 23.35 1.82 7.88
C TYR C 109 22.27 1.29 6.94
N ARG C 110 21.79 2.15 6.05
CA ARG C 110 20.79 1.73 5.07
C ARG C 110 21.24 0.48 4.30
N LYS C 111 22.53 0.39 3.96
CA LYS C 111 23.06 -0.77 3.23
C LYS C 111 22.88 -2.07 4.06
N ASP C 112 22.95 -1.94 5.39
CA ASP C 112 22.77 -3.09 6.26
C ASP C 112 21.40 -3.71 5.97
N ARG C 113 20.36 -2.88 6.06
CA ARG C 113 19.01 -3.36 5.80
C ARG C 113 18.78 -3.70 4.32
N ASP C 114 19.43 -2.97 3.42
CA ASP C 114 19.24 -3.28 2.00
C ASP C 114 19.77 -4.68 1.69
N THR C 115 20.93 -5.01 2.23
CA THR C 115 21.51 -6.33 2.01
C THR C 115 20.58 -7.42 2.55
N ALA C 116 20.00 -7.19 3.71
CA ALA C 116 19.09 -8.15 4.31
C ALA C 116 17.84 -8.26 3.46
N ARG C 117 17.33 -7.12 2.99
CA ARG C 117 16.10 -7.11 2.21
C ARG C 117 16.32 -7.83 0.87
N GLN C 118 17.37 -7.46 0.15
CA GLN C 118 17.67 -8.09 -1.12
C GLN C 118 17.71 -9.62 -1.01
N LEU C 119 18.36 -10.15 0.03
CA LEU C 119 18.45 -11.60 0.20
C LEU C 119 17.09 -12.27 0.37
N HIS C 120 16.16 -11.57 1.02
CA HIS C 120 14.82 -12.09 1.22
C HIS C 120 13.99 -11.94 -0.04
N GLU C 121 14.21 -10.85 -0.78
CA GLU C 121 13.46 -10.59 -2.01
C GLU C 121 13.92 -11.54 -3.09
N VAL C 122 15.03 -12.22 -2.82
CA VAL C 122 15.63 -13.21 -3.71
C VAL C 122 14.79 -14.48 -3.75
N ALA C 123 14.30 -14.82 -4.94
CA ALA C 123 13.47 -16.00 -5.16
C ALA C 123 14.02 -17.28 -4.52
N THR C 124 13.13 -18.01 -3.85
CA THR C 124 13.49 -19.25 -3.17
C THR C 124 13.56 -20.44 -4.13
N PRO C 125 14.50 -21.36 -3.90
CA PRO C 125 14.65 -22.53 -4.76
C PRO C 125 13.29 -23.16 -5.03
N GLY C 126 12.82 -23.06 -6.27
CA GLY C 126 11.52 -23.62 -6.61
C GLY C 126 10.51 -22.53 -6.86
N GLU C 127 10.08 -21.85 -5.79
CA GLU C 127 9.12 -20.77 -5.92
C GLU C 127 9.71 -19.67 -6.78
N GLU C 128 8.85 -18.78 -7.26
CA GLU C 128 9.31 -17.68 -8.09
C GLU C 128 9.41 -16.40 -7.26
N THR C 129 8.81 -16.41 -6.08
CA THR C 129 8.86 -15.24 -5.20
C THR C 129 9.77 -15.47 -4.00
N GLY C 130 10.20 -14.37 -3.39
CA GLY C 130 11.04 -14.48 -2.22
C GLY C 130 10.17 -14.61 -0.99
N LEU C 131 10.65 -14.08 0.12
CA LEU C 131 9.89 -14.13 1.35
C LEU C 131 9.74 -12.69 1.85
N PRO C 132 8.64 -12.38 2.55
CA PRO C 132 8.43 -11.01 3.05
C PRO C 132 9.52 -10.51 4.02
N PHE C 133 9.91 -9.26 3.84
CA PHE C 133 10.90 -8.62 4.71
C PHE C 133 10.21 -7.36 5.25
N VAL C 134 9.93 -7.40 6.55
CA VAL C 134 9.26 -6.29 7.21
C VAL C 134 10.24 -5.49 8.04
N GLU C 135 10.67 -4.35 7.51
CA GLU C 135 11.61 -3.47 8.21
C GLU C 135 10.81 -2.63 9.20
N VAL C 136 11.19 -2.71 10.47
CA VAL C 136 10.49 -1.93 11.49
C VAL C 136 11.47 -0.94 12.08
N TYR C 137 11.17 0.33 11.89
CA TYR C 137 12.00 1.39 12.43
C TYR C 137 11.56 1.64 13.87
N VAL C 138 12.41 1.30 14.83
CA VAL C 138 12.09 1.52 16.23
C VAL C 138 12.71 2.86 16.48
N ASP C 139 11.88 3.88 16.31
CA ASP C 139 12.28 5.27 16.40
C ASP C 139 12.03 6.06 17.69
N VAL C 140 13.11 6.61 18.23
CA VAL C 140 13.03 7.49 19.38
C VAL C 140 14.13 8.51 19.14
N PRO C 141 13.95 9.75 19.61
CA PRO C 141 15.03 10.70 19.37
C PRO C 141 16.19 10.30 20.29
N VAL C 142 17.39 10.77 19.96
CA VAL C 142 18.55 10.41 20.76
C VAL C 142 18.40 10.85 22.20
N GLU C 143 17.76 12.00 22.42
CA GLU C 143 17.59 12.48 23.79
C GLU C 143 16.87 11.43 24.64
N VAL C 144 15.83 10.82 24.07
CA VAL C 144 15.06 9.80 24.77
C VAL C 144 15.93 8.57 25.04
N ALA C 145 16.74 8.19 24.05
CA ALA C 145 17.61 7.03 24.24
C ALA C 145 18.57 7.32 25.41
N GLU C 146 19.14 8.52 25.42
CA GLU C 146 20.09 8.89 26.48
C GLU C 146 19.43 8.97 27.83
N GLN C 147 18.14 9.28 27.87
CA GLN C 147 17.45 9.39 29.14
C GLN C 147 17.18 7.99 29.68
N ARG C 148 17.07 7.00 28.79
CA ARG C 148 16.85 5.62 29.20
C ARG C 148 18.23 5.06 29.59
N ASP C 149 19.08 4.88 28.58
CA ASP C 149 20.46 4.44 28.76
C ASP C 149 20.66 3.49 29.96
N PRO C 150 19.95 2.35 29.98
CA PRO C 150 20.04 1.38 31.10
C PRO C 150 21.41 0.76 31.41
N LYS C 151 22.25 0.60 30.39
CA LYS C 151 23.58 0.03 30.58
C LYS C 151 24.66 1.11 30.73
N GLY C 152 24.27 2.36 30.61
CA GLY C 152 25.21 3.46 30.73
C GLY C 152 26.10 3.62 29.51
N LEU C 153 25.72 3.00 28.39
CA LEU C 153 26.50 3.10 27.16
C LEU C 153 26.60 4.51 26.60
N TYR C 154 25.52 5.29 26.67
CA TYR C 154 25.53 6.65 26.14
C TYR C 154 26.49 7.55 26.93
N LYS C 155 26.44 7.44 28.25
CA LYS C 155 27.31 8.26 29.08
C LYS C 155 28.77 8.00 28.69
N LYS C 156 29.12 6.72 28.58
CA LYS C 156 30.47 6.35 28.19
C LYS C 156 30.79 6.88 26.79
N ALA C 157 29.80 6.83 25.91
CA ALA C 157 29.99 7.33 24.55
C ALA C 157 30.32 8.81 24.64
N ARG C 158 29.53 9.54 25.43
CA ARG C 158 29.73 10.97 25.60
C ARG C 158 31.09 11.29 26.22
N GLU C 159 31.58 10.38 27.06
CA GLU C 159 32.87 10.58 27.73
C GLU C 159 34.07 10.09 26.93
N GLY C 160 33.81 9.52 25.76
CA GLY C 160 34.92 9.03 24.95
C GLY C 160 35.47 7.71 25.46
N VAL C 161 34.74 7.07 26.37
CA VAL C 161 35.15 5.78 26.88
C VAL C 161 34.89 4.76 25.78
N ILE C 162 33.80 4.95 25.05
CA ILE C 162 33.47 4.06 23.92
C ILE C 162 33.63 4.88 22.67
N LYS C 163 34.20 4.29 21.62
CA LYS C 163 34.38 5.03 20.38
C LYS C 163 33.33 4.62 19.35
N GLU C 164 33.15 5.46 18.35
CA GLU C 164 32.20 5.19 17.27
C GLU C 164 30.87 4.57 17.75
N PHE C 165 30.16 5.28 18.62
CA PHE C 165 28.88 4.80 19.14
C PHE C 165 27.72 5.43 18.34
N THR C 166 26.91 4.58 17.71
CA THR C 166 25.77 5.04 16.91
C THR C 166 24.96 6.14 17.61
N GLY C 167 24.71 7.24 16.90
CA GLY C 167 23.94 8.34 17.45
C GLY C 167 24.75 9.40 18.18
N ILE C 168 25.97 9.06 18.55
CA ILE C 168 26.83 9.98 19.29
C ILE C 168 28.12 10.28 18.52
N SER C 169 28.84 9.23 18.15
CA SER C 169 30.11 9.38 17.45
C SER C 169 30.16 8.57 16.15
N ALA C 170 29.00 8.11 15.69
CA ALA C 170 28.83 7.36 14.44
C ALA C 170 27.35 7.60 14.11
N PRO C 171 27.01 7.64 12.81
CA PRO C 171 25.61 7.89 12.44
C PRO C 171 24.65 6.73 12.43
N TYR C 172 23.37 7.08 12.56
CA TYR C 172 22.30 6.11 12.42
C TYR C 172 21.57 6.69 11.21
N GLU C 173 21.44 5.89 10.16
CA GLU C 173 20.75 6.33 8.93
C GLU C 173 19.32 5.84 9.02
N ALA C 174 18.41 6.74 9.29
CA ALA C 174 17.02 6.37 9.43
C ALA C 174 16.42 5.86 8.14
N PRO C 175 15.55 4.85 8.23
CA PRO C 175 14.93 4.34 7.01
C PRO C 175 13.90 5.33 6.51
N ALA C 176 13.89 5.56 5.21
CA ALA C 176 12.94 6.51 4.63
C ALA C 176 11.54 5.93 4.54
N ASN C 177 11.45 4.65 4.17
CA ASN C 177 10.15 4.03 4.01
C ASN C 177 10.07 2.64 4.60
N PRO C 178 10.20 2.53 5.94
CA PRO C 178 10.12 1.20 6.54
C PRO C 178 8.68 0.69 6.41
N GLU C 179 8.49 -0.61 6.50
CA GLU C 179 7.14 -1.19 6.44
C GLU C 179 6.33 -0.71 7.65
N VAL C 180 7.00 -0.64 8.80
CA VAL C 180 6.35 -0.21 10.03
C VAL C 180 7.29 0.79 10.71
N HIS C 181 6.76 1.99 11.01
CA HIS C 181 7.53 3.03 11.70
C HIS C 181 6.94 3.19 13.09
N VAL C 182 7.66 2.71 14.09
CA VAL C 182 7.16 2.78 15.46
C VAL C 182 7.86 3.88 16.21
N LYS C 183 7.10 4.89 16.63
CA LYS C 183 7.65 6.00 17.39
C LYS C 183 7.51 5.46 18.79
N ASN C 184 8.52 4.69 19.18
CA ASN C 184 8.57 3.97 20.44
C ASN C 184 8.88 4.72 21.73
N TYR C 185 8.27 5.89 21.88
CA TYR C 185 8.40 6.72 23.08
C TYR C 185 6.99 7.30 23.37
N GLU C 186 6.66 7.48 24.64
CA GLU C 186 5.35 7.98 25.01
C GLU C 186 4.30 7.12 24.32
N LEU C 187 4.54 5.81 24.39
CA LEU C 187 3.69 4.80 23.77
C LEU C 187 3.99 3.51 24.51
N PRO C 188 2.98 2.91 25.14
CA PRO C 188 3.18 1.65 25.86
C PRO C 188 3.77 0.56 24.97
N VAL C 189 4.60 -0.29 25.57
CA VAL C 189 5.22 -1.38 24.85
C VAL C 189 4.14 -2.21 24.15
N GLN C 190 3.04 -2.50 24.84
CA GLN C 190 1.97 -3.30 24.25
C GLN C 190 1.39 -2.67 23.00
N ASP C 191 1.22 -1.35 23.05
CA ASP C 191 0.68 -0.59 21.93
C ASP C 191 1.63 -0.65 20.73
N ALA C 192 2.93 -0.55 21.01
CA ALA C 192 3.96 -0.62 19.96
C ALA C 192 3.90 -1.97 19.25
N VAL C 193 3.90 -3.04 20.04
CA VAL C 193 3.84 -4.39 19.51
C VAL C 193 2.55 -4.56 18.71
N LYS C 194 1.43 -4.07 19.26
CA LYS C 194 0.15 -4.18 18.57
C LYS C 194 0.21 -3.50 17.21
N GLN C 195 0.95 -2.39 17.12
CA GLN C 195 1.05 -1.68 15.86
C GLN C 195 1.77 -2.56 14.85
N ILE C 196 2.73 -3.35 15.34
CA ILE C 196 3.48 -4.26 14.47
C ILE C 196 2.61 -5.41 14.01
N ILE C 197 1.87 -6.02 14.92
CA ILE C 197 1.03 -7.14 14.54
C ILE C 197 -0.14 -6.67 13.66
N ASP C 198 -0.69 -5.50 13.95
CA ASP C 198 -1.79 -4.98 13.12
C ASP C 198 -1.34 -4.88 11.66
N TYR C 199 -0.11 -4.42 11.43
CA TYR C 199 0.39 -4.33 10.06
C TYR C 199 0.48 -5.74 9.47
N LEU C 200 1.06 -6.66 10.23
CA LEU C 200 1.20 -8.03 9.77
C LEU C 200 -0.16 -8.56 9.33
N ASP C 201 -1.21 -8.21 10.08
CA ASP C 201 -2.56 -8.65 9.75
C ASP C 201 -3.10 -8.02 8.46
N THR C 202 -2.72 -6.78 8.19
CA THR C 202 -3.19 -6.13 6.96
C THR C 202 -2.57 -6.77 5.72
N LYS C 203 -1.48 -7.49 5.91
CA LYS C 203 -0.85 -8.14 4.77
C LYS C 203 -1.27 -9.60 4.76
N GLY C 204 -2.07 -9.99 5.74
CA GLY C 204 -2.51 -11.36 5.83
C GLY C 204 -1.37 -12.32 6.13
N TYR C 205 -0.31 -11.78 6.73
CA TYR C 205 0.86 -12.60 7.08
C TYR C 205 0.60 -13.56 8.23
N LEU C 206 -0.49 -13.34 8.97
CA LEU C 206 -0.79 -14.19 10.11
C LEU C 206 -2.12 -14.95 10.03
N PRO C 207 -2.19 -16.09 10.74
CA PRO C 207 -3.37 -16.96 10.81
C PRO C 207 -4.51 -16.22 11.50
N ALA C 208 -5.74 -16.70 11.30
CA ALA C 208 -6.91 -16.08 11.92
C ALA C 208 -6.75 -16.09 13.45
N LYS C 209 -7.21 -15.02 14.08
CA LYS C 209 -7.11 -14.91 15.54
C LYS C 209 -7.95 -15.97 16.26
N THR D 6 -0.13 -4.99 30.68
CA THR D 6 1.27 -5.42 30.97
C THR D 6 1.93 -5.99 29.71
N PHE D 7 3.11 -6.55 29.89
CA PHE D 7 3.85 -7.16 28.78
C PHE D 7 4.98 -7.99 29.37
N HIS D 8 5.55 -8.85 28.54
CA HIS D 8 6.64 -9.72 28.99
C HIS D 8 8.02 -9.08 28.89
N ALA D 9 8.71 -9.01 30.03
CA ALA D 9 10.06 -8.46 30.09
C ALA D 9 11.03 -9.60 29.85
N SER D 10 10.61 -10.81 30.23
CA SER D 10 11.43 -12.01 30.07
C SER D 10 11.10 -12.78 28.80
N ALA D 11 12.14 -13.21 28.11
CA ALA D 11 11.99 -13.96 26.87
C ALA D 11 11.26 -15.29 27.07
N LEU D 12 10.39 -15.61 26.12
CA LEU D 12 9.63 -16.85 26.14
C LEU D 12 10.63 -17.99 26.37
N THR D 13 10.47 -18.70 27.49
CA THR D 13 11.39 -19.80 27.82
C THR D 13 11.16 -21.06 26.99
N ARG D 14 12.12 -21.98 27.08
CA ARG D 14 12.05 -23.24 26.36
C ARG D 14 10.94 -24.11 26.95
N SER D 15 10.76 -23.99 28.28
CA SER D 15 9.72 -24.74 29.00
C SER D 15 8.35 -24.11 28.81
N GLU D 16 8.31 -23.09 27.97
CA GLU D 16 7.07 -22.39 27.66
C GLU D 16 6.83 -22.52 26.16
N ARG D 17 7.93 -22.47 25.41
CA ARG D 17 7.87 -22.61 23.95
C ARG D 17 7.53 -24.06 23.64
N THR D 18 8.19 -24.99 24.32
CA THR D 18 7.95 -26.41 24.11
C THR D 18 6.46 -26.70 24.35
N GLU D 19 5.94 -26.15 25.44
CA GLU D 19 4.54 -26.32 25.79
C GLU D 19 3.66 -25.75 24.68
N LEU D 20 3.84 -24.46 24.40
CA LEU D 20 3.06 -23.77 23.37
C LEU D 20 3.25 -24.35 21.96
N ARG D 21 4.45 -24.84 21.68
CA ARG D 21 4.75 -25.43 20.37
C ARG D 21 4.45 -26.92 20.36
N ASN D 22 4.20 -27.48 21.54
CA ASN D 22 3.90 -28.90 21.74
C ASN D 22 4.82 -29.86 20.97
N GLN D 23 6.12 -29.57 21.03
CA GLN D 23 7.14 -30.41 20.40
C GLN D 23 8.51 -30.04 20.92
N ARG D 24 9.39 -31.04 21.02
CA ARG D 24 10.74 -30.80 21.50
C ARG D 24 11.62 -30.32 20.37
N GLY D 25 12.77 -29.77 20.71
CA GLY D 25 13.69 -29.29 19.70
C GLY D 25 14.97 -30.09 19.77
N LEU D 26 15.52 -30.48 18.63
CA LEU D 26 16.76 -31.26 18.60
C LEU D 26 17.35 -31.24 17.21
N THR D 27 18.57 -31.76 17.08
CA THR D 27 19.21 -31.81 15.78
C THR D 27 19.50 -33.25 15.41
N ILE D 28 19.20 -33.58 14.17
CA ILE D 28 19.42 -34.90 13.63
C ILE D 28 20.54 -34.68 12.62
N TRP D 29 21.77 -35.04 13.00
CA TRP D 29 22.94 -34.84 12.16
C TRP D 29 23.30 -36.05 11.31
N LEU D 30 23.08 -35.96 10.01
CA LEU D 30 23.43 -37.06 9.13
C LEU D 30 24.91 -36.93 8.73
N THR D 31 25.61 -38.04 8.63
CA THR D 31 27.00 -38.06 8.21
C THR D 31 27.19 -39.35 7.38
N GLY D 32 28.01 -39.25 6.34
CA GLY D 32 28.25 -40.39 5.46
C GLY D 32 28.88 -39.92 4.16
N LEU D 33 29.39 -40.87 3.38
CA LEU D 33 30.05 -40.57 2.11
C LEU D 33 29.15 -39.87 1.08
N SER D 34 29.77 -39.23 0.10
CA SER D 34 29.00 -38.60 -0.96
C SER D 34 28.24 -39.79 -1.60
N ALA D 35 26.97 -39.57 -1.93
CA ALA D 35 26.12 -40.60 -2.53
C ALA D 35 25.71 -41.74 -1.57
N SER D 36 25.93 -41.57 -0.27
CA SER D 36 25.52 -42.61 0.66
C SER D 36 23.99 -42.57 0.81
N GLY D 37 23.40 -41.46 0.37
CA GLY D 37 21.96 -41.28 0.41
C GLY D 37 21.44 -40.34 1.51
N LYS D 38 22.29 -39.46 2.04
CA LYS D 38 21.89 -38.55 3.10
C LYS D 38 20.72 -37.62 2.74
N SER D 39 20.83 -36.97 1.60
CA SER D 39 19.79 -36.04 1.18
C SER D 39 18.44 -36.71 0.99
N THR D 40 18.46 -37.91 0.40
CA THR D 40 17.23 -38.64 0.16
C THR D 40 16.56 -38.97 1.50
N LEU D 41 17.34 -39.43 2.46
CA LEU D 41 16.78 -39.71 3.76
C LEU D 41 16.26 -38.43 4.39
N ALA D 42 17.02 -37.35 4.25
CA ALA D 42 16.63 -36.06 4.85
C ALA D 42 15.28 -35.57 4.35
N VAL D 43 15.11 -35.59 3.03
CA VAL D 43 13.88 -35.15 2.40
C VAL D 43 12.67 -35.92 2.92
N GLU D 44 12.77 -37.25 2.90
CA GLU D 44 11.67 -38.11 3.33
C GLU D 44 11.41 -37.94 4.82
N LEU D 45 12.50 -37.85 5.60
CA LEU D 45 12.37 -37.68 7.04
C LEU D 45 11.64 -36.38 7.35
N GLU D 46 11.98 -35.32 6.63
CA GLU D 46 11.34 -34.02 6.84
C GLU D 46 9.84 -34.09 6.52
N HIS D 47 9.49 -34.74 5.41
CA HIS D 47 8.08 -34.90 5.02
C HIS D 47 7.35 -35.54 6.19
N GLN D 48 7.82 -36.72 6.59
CA GLN D 48 7.20 -37.46 7.69
C GLN D 48 7.10 -36.70 9.03
N LEU D 49 8.16 -36.02 9.43
CA LEU D 49 8.11 -35.29 10.69
C LEU D 49 7.11 -34.14 10.62
N VAL D 50 7.09 -33.44 9.50
CA VAL D 50 6.21 -32.30 9.29
C VAL D 50 4.76 -32.71 9.02
N ARG D 51 4.57 -33.57 8.03
CA ARG D 51 3.23 -34.01 7.67
C ARG D 51 2.64 -35.03 8.64
N ASP D 52 3.23 -36.22 8.63
CA ASP D 52 2.75 -37.31 9.46
C ASP D 52 2.81 -37.10 10.98
N ARG D 53 3.87 -36.52 11.50
CA ARG D 53 3.96 -36.28 12.95
C ARG D 53 3.56 -34.84 13.32
N ARG D 54 3.28 -34.04 12.30
CA ARG D 54 2.88 -32.66 12.52
C ARG D 54 3.76 -31.71 13.32
N VAL D 55 5.07 -31.84 13.22
CA VAL D 55 5.94 -30.92 13.95
C VAL D 55 6.67 -30.00 12.98
N HIS D 56 7.44 -29.08 13.54
CA HIS D 56 8.20 -28.16 12.70
C HIS D 56 9.60 -28.75 12.58
N ALA D 57 10.02 -29.05 11.37
CA ALA D 57 11.36 -29.59 11.17
C ALA D 57 11.88 -28.87 9.95
N TYR D 58 13.19 -28.77 9.81
CA TYR D 58 13.73 -28.07 8.66
C TYR D 58 15.05 -28.70 8.25
N ARG D 59 15.23 -28.81 6.96
CA ARG D 59 16.41 -29.43 6.40
C ARG D 59 17.48 -28.45 5.99
N LEU D 60 18.69 -28.67 6.49
CA LEU D 60 19.82 -27.84 6.14
C LEU D 60 20.67 -28.78 5.27
N ASP D 61 20.64 -28.53 3.96
CA ASP D 61 21.37 -29.34 2.99
C ASP D 61 22.32 -28.41 2.24
N GLY D 62 22.88 -28.88 1.13
CA GLY D 62 23.79 -28.06 0.37
C GLY D 62 23.07 -26.93 -0.35
N ASP D 63 21.89 -27.24 -0.88
CA ASP D 63 21.08 -26.27 -1.61
C ASP D 63 20.89 -24.93 -0.89
N ASN D 64 20.22 -24.94 0.25
CA ASN D 64 19.96 -23.71 0.98
C ASN D 64 21.15 -23.16 1.77
N ILE D 65 22.22 -23.93 1.91
CA ILE D 65 23.38 -23.46 2.66
C ILE D 65 24.56 -23.03 1.80
N ARG D 66 24.94 -23.83 0.80
CA ARG D 66 26.09 -23.51 -0.05
C ARG D 66 25.95 -22.26 -0.92
N PHE D 67 24.73 -21.89 -1.29
CA PHE D 67 24.50 -20.69 -2.11
C PHE D 67 24.13 -19.48 -1.27
N GLY D 68 23.90 -19.70 0.02
CA GLY D 68 23.52 -18.62 0.90
C GLY D 68 24.54 -18.36 1.99
N LEU D 69 24.20 -18.76 3.21
CA LEU D 69 25.09 -18.58 4.36
C LEU D 69 26.57 -18.95 4.10
N ASN D 70 26.81 -20.11 3.49
CA ASN D 70 28.20 -20.53 3.26
C ASN D 70 28.74 -20.41 1.85
N LYS D 71 28.17 -19.50 1.07
CA LYS D 71 28.61 -19.28 -0.30
C LYS D 71 30.06 -18.79 -0.36
N ASP D 72 30.55 -18.18 0.71
CA ASP D 72 31.92 -17.66 0.74
C ASP D 72 32.96 -18.74 0.99
N LEU D 73 32.50 -19.94 1.30
CA LEU D 73 33.40 -21.02 1.59
C LEU D 73 33.71 -21.94 0.44
N GLY D 74 35.00 -22.15 0.20
CA GLY D 74 35.42 -23.03 -0.87
C GLY D 74 35.49 -24.43 -0.31
N PHE D 75 36.47 -25.23 -0.76
CA PHE D 75 36.57 -26.58 -0.25
C PHE D 75 37.90 -26.96 0.41
N SER D 76 38.67 -25.95 0.84
CA SER D 76 39.93 -26.21 1.53
C SER D 76 39.55 -26.90 2.84
N GLU D 77 40.50 -27.12 3.73
CA GLU D 77 40.15 -27.79 4.99
C GLU D 77 39.73 -26.76 6.04
N ALA D 78 40.28 -25.56 5.95
CA ALA D 78 39.90 -24.50 6.89
C ALA D 78 38.43 -24.18 6.61
N ASP D 79 38.13 -23.95 5.34
CA ASP D 79 36.76 -23.67 4.91
C ASP D 79 35.85 -24.84 5.25
N ARG D 80 36.38 -26.06 5.14
CA ARG D 80 35.59 -27.25 5.44
C ARG D 80 35.18 -27.28 6.92
N ASN D 81 36.10 -26.90 7.80
CA ASN D 81 35.82 -26.88 9.24
C ASN D 81 34.79 -25.77 9.52
N GLU D 82 35.00 -24.61 8.91
CA GLU D 82 34.09 -23.47 9.08
C GLU D 82 32.70 -23.80 8.55
N ASN D 83 32.64 -24.56 7.46
CA ASN D 83 31.37 -24.95 6.86
C ASN D 83 30.56 -25.69 7.92
N ILE D 84 31.21 -26.64 8.56
CA ILE D 84 30.56 -27.45 9.58
C ILE D 84 30.26 -26.63 10.82
N ARG D 85 31.18 -25.76 11.21
CA ARG D 85 30.97 -24.97 12.42
C ARG D 85 29.70 -24.11 12.31
N ARG D 86 29.56 -23.42 11.19
CA ARG D 86 28.41 -22.56 10.99
C ARG D 86 27.11 -23.36 10.94
N ILE D 87 27.13 -24.47 10.20
CA ILE D 87 25.95 -25.32 10.07
C ILE D 87 25.48 -25.79 11.44
N ALA D 88 26.46 -26.14 12.29
CA ALA D 88 26.17 -26.60 13.64
C ALA D 88 25.55 -25.49 14.50
N GLU D 89 26.05 -24.26 14.36
CA GLU D 89 25.47 -23.17 15.14
C GLU D 89 24.03 -22.93 14.66
N VAL D 90 23.82 -22.98 13.35
CA VAL D 90 22.49 -22.78 12.80
C VAL D 90 21.52 -23.90 13.22
N ALA D 91 22.00 -25.14 13.22
CA ALA D 91 21.15 -26.25 13.63
C ALA D 91 20.74 -25.98 15.07
N LYS D 92 21.70 -25.53 15.88
CA LYS D 92 21.45 -25.23 17.29
C LYS D 92 20.36 -24.18 17.47
N LEU D 93 20.34 -23.18 16.60
CA LEU D 93 19.32 -22.12 16.67
C LEU D 93 17.94 -22.72 16.38
N PHE D 94 17.87 -23.57 15.36
CA PHE D 94 16.60 -24.20 15.03
C PHE D 94 16.15 -25.07 16.20
N ALA D 95 17.08 -25.83 16.78
CA ALA D 95 16.74 -26.67 17.91
C ALA D 95 16.26 -25.80 19.06
N ASP D 96 17.01 -24.73 19.33
CA ASP D 96 16.65 -23.82 20.40
C ASP D 96 15.23 -23.25 20.22
N SER D 97 14.79 -23.09 18.97
CA SER D 97 13.45 -22.57 18.68
C SER D 97 12.38 -23.63 18.76
N ASN D 98 12.77 -24.80 19.26
CA ASN D 98 11.88 -25.94 19.40
C ASN D 98 11.50 -26.51 18.04
N SER D 99 12.46 -26.53 17.13
CA SER D 99 12.26 -27.11 15.80
C SER D 99 13.19 -28.31 15.73
N ILE D 100 12.93 -29.25 14.82
CA ILE D 100 13.85 -30.38 14.68
C ILE D 100 14.68 -30.08 13.42
N ALA D 101 15.97 -29.80 13.60
CA ALA D 101 16.83 -29.51 12.46
C ALA D 101 17.40 -30.82 11.93
N ILE D 102 17.53 -30.90 10.60
CA ILE D 102 18.07 -32.09 9.91
C ILE D 102 19.20 -31.62 9.03
N THR D 103 20.42 -32.00 9.37
CA THR D 103 21.57 -31.57 8.57
C THR D 103 22.04 -32.73 7.73
N SER D 104 22.41 -32.42 6.49
CA SER D 104 22.82 -33.43 5.53
C SER D 104 24.12 -33.03 4.87
N PHE D 105 25.22 -33.24 5.58
CA PHE D 105 26.54 -32.91 5.06
C PHE D 105 27.49 -34.06 5.32
N ILE D 106 28.40 -34.33 4.38
CA ILE D 106 29.35 -35.42 4.55
C ILE D 106 29.96 -35.41 5.97
N SER D 107 30.40 -34.23 6.43
CA SER D 107 31.01 -34.06 7.75
C SER D 107 31.91 -35.26 8.05
N PRO D 108 32.94 -35.44 7.22
CA PRO D 108 33.92 -36.52 7.30
C PRO D 108 34.77 -36.67 8.56
N TYR D 109 35.09 -35.56 9.22
CA TYR D 109 35.94 -35.58 10.41
C TYR D 109 35.22 -35.74 11.76
N ARG D 110 35.66 -36.72 12.54
CA ARG D 110 35.06 -36.96 13.85
C ARG D 110 35.09 -35.71 14.70
N LYS D 111 36.22 -35.00 14.66
CA LYS D 111 36.38 -33.79 15.44
C LYS D 111 35.29 -32.75 15.17
N ASP D 112 34.98 -32.53 13.89
CA ASP D 112 33.95 -31.56 13.56
C ASP D 112 32.60 -32.00 14.11
N ARG D 113 32.24 -33.26 13.88
CA ARG D 113 30.96 -33.74 14.39
C ARG D 113 30.93 -33.67 15.92
N ASP D 114 32.05 -33.98 16.57
CA ASP D 114 32.08 -33.93 18.03
C ASP D 114 31.94 -32.47 18.49
N THR D 115 32.56 -31.55 17.78
CA THR D 115 32.44 -30.14 18.15
C THR D 115 30.96 -29.74 18.01
N ALA D 116 30.36 -30.17 16.89
CA ALA D 116 28.96 -29.88 16.61
C ALA D 116 28.09 -30.36 17.78
N ARG D 117 28.32 -31.61 18.19
CA ARG D 117 27.57 -32.20 19.30
C ARG D 117 27.81 -31.44 20.60
N GLN D 118 29.07 -31.05 20.82
CA GLN D 118 29.42 -30.32 22.04
C GLN D 118 28.58 -29.06 22.21
N LEU D 119 28.53 -28.21 21.20
CA LEU D 119 27.74 -26.99 21.36
C LEU D 119 26.24 -27.24 21.56
N HIS D 120 25.78 -28.47 21.30
CA HIS D 120 24.37 -28.79 21.54
C HIS D 120 24.16 -29.35 22.95
N GLU D 121 24.96 -30.34 23.32
CA GLU D 121 24.84 -30.98 24.63
C GLU D 121 25.45 -30.21 25.81
N VAL D 122 26.70 -29.78 25.68
CA VAL D 122 27.37 -29.08 26.77
C VAL D 122 26.57 -27.86 27.23
N THR D 129 19.61 -28.32 31.20
CA THR D 129 19.59 -29.37 30.17
C THR D 129 19.86 -28.78 28.79
N GLY D 130 20.72 -29.45 28.02
CA GLY D 130 21.05 -28.97 26.69
C GLY D 130 20.13 -29.52 25.62
N LEU D 131 20.52 -29.36 24.36
CA LEU D 131 19.71 -29.83 23.25
C LEU D 131 20.20 -31.19 22.74
N PRO D 132 19.27 -32.08 22.41
CA PRO D 132 19.56 -33.44 21.90
C PRO D 132 20.29 -33.39 20.56
N PHE D 133 21.33 -34.21 20.41
CA PHE D 133 22.10 -34.31 19.17
C PHE D 133 22.10 -35.78 18.74
N VAL D 134 21.33 -36.07 17.70
CA VAL D 134 21.18 -37.43 17.20
C VAL D 134 22.01 -37.64 15.93
N GLU D 135 23.22 -38.18 16.12
CA GLU D 135 24.17 -38.45 15.04
C GLU D 135 23.76 -39.71 14.33
N VAL D 136 23.47 -39.57 13.03
CA VAL D 136 23.00 -40.67 12.18
C VAL D 136 24.05 -41.00 11.15
N TYR D 137 24.58 -42.22 11.22
CA TYR D 137 25.59 -42.66 10.27
C TYR D 137 24.88 -43.28 9.06
N VAL D 138 24.89 -42.57 7.94
CA VAL D 138 24.29 -43.10 6.72
C VAL D 138 25.48 -43.84 6.09
N ASP D 139 25.54 -45.13 6.41
CA ASP D 139 26.66 -45.98 6.01
C ASP D 139 26.48 -46.89 4.81
N VAL D 140 27.37 -46.72 3.83
CA VAL D 140 27.42 -47.59 2.65
C VAL D 140 28.91 -47.75 2.41
N PRO D 141 29.35 -48.92 1.94
CA PRO D 141 30.77 -49.13 1.67
C PRO D 141 31.09 -48.18 0.52
N VAL D 142 32.32 -47.70 0.40
CA VAL D 142 32.61 -46.77 -0.69
C VAL D 142 32.26 -47.32 -2.10
N GLU D 143 32.38 -48.64 -2.29
CA GLU D 143 32.07 -49.27 -3.57
C GLU D 143 30.61 -49.05 -3.98
N VAL D 144 29.72 -49.07 -3.00
CA VAL D 144 28.31 -48.88 -3.26
C VAL D 144 28.05 -47.44 -3.70
N ALA D 145 28.66 -46.48 -3.00
CA ALA D 145 28.51 -45.06 -3.32
C ALA D 145 29.05 -44.82 -4.74
N GLU D 146 30.21 -45.40 -5.03
CA GLU D 146 30.82 -45.30 -6.34
C GLU D 146 29.97 -45.83 -7.50
N GLN D 147 29.23 -46.91 -7.27
CA GLN D 147 28.41 -47.44 -8.36
C GLN D 147 27.15 -46.62 -8.54
N ARG D 148 26.80 -45.82 -7.53
CA ARG D 148 25.64 -44.95 -7.63
C ARG D 148 26.08 -43.70 -8.41
N ASP D 149 27.10 -43.01 -7.89
CA ASP D 149 27.70 -41.81 -8.48
C ASP D 149 26.72 -41.04 -9.37
N PRO D 150 25.58 -40.61 -8.81
CA PRO D 150 24.54 -39.88 -9.55
C PRO D 150 24.96 -38.60 -10.25
N LYS D 151 25.93 -37.89 -9.69
CA LYS D 151 26.38 -36.65 -10.31
C LYS D 151 27.77 -36.78 -10.93
N GLY D 152 28.30 -38.01 -10.96
CA GLY D 152 29.61 -38.25 -11.55
C GLY D 152 30.81 -37.72 -10.77
N LEU D 153 30.62 -37.39 -9.51
CA LEU D 153 31.72 -36.86 -8.73
C LEU D 153 32.82 -37.87 -8.47
N TYR D 154 32.45 -39.14 -8.27
CA TYR D 154 33.46 -40.15 -8.03
C TYR D 154 34.36 -40.31 -9.25
N LYS D 155 33.76 -40.33 -10.43
CA LYS D 155 34.55 -40.46 -11.63
C LYS D 155 35.53 -39.29 -11.69
N LYS D 156 35.04 -38.08 -11.46
CA LYS D 156 35.91 -36.90 -11.46
C LYS D 156 37.00 -37.02 -10.39
N ALA D 157 36.67 -37.56 -9.21
CA ALA D 157 37.66 -37.71 -8.15
C ALA D 157 38.79 -38.65 -8.54
N ARG D 158 38.42 -39.74 -9.20
CA ARG D 158 39.41 -40.71 -9.63
C ARG D 158 40.29 -40.16 -10.75
N GLU D 159 39.74 -39.25 -11.54
CA GLU D 159 40.51 -38.66 -12.64
C GLU D 159 41.37 -37.51 -12.15
N GLY D 160 41.23 -37.16 -10.87
CA GLY D 160 42.02 -36.07 -10.32
C GLY D 160 41.42 -34.71 -10.62
N VAL D 161 40.21 -34.69 -11.17
CA VAL D 161 39.50 -33.44 -11.51
C VAL D 161 38.99 -32.73 -10.25
N ILE D 162 38.68 -33.53 -9.24
CA ILE D 162 38.25 -33.01 -7.95
C ILE D 162 39.22 -33.61 -6.96
N LYS D 163 39.99 -32.76 -6.30
CA LYS D 163 40.97 -33.26 -5.37
C LYS D 163 40.45 -33.34 -3.93
N GLU D 164 41.15 -34.11 -3.11
CA GLU D 164 40.77 -34.28 -1.71
C GLU D 164 39.27 -34.60 -1.62
N PHE D 165 38.87 -35.66 -2.31
CA PHE D 165 37.46 -36.09 -2.32
C PHE D 165 37.25 -37.22 -1.30
N THR D 166 36.42 -36.94 -0.31
CA THR D 166 36.10 -37.87 0.76
C THR D 166 35.88 -39.30 0.29
N GLY D 167 36.59 -40.26 0.88
CA GLY D 167 36.42 -41.64 0.50
C GLY D 167 37.28 -42.11 -0.67
N ILE D 168 37.87 -41.16 -1.40
CA ILE D 168 38.72 -41.46 -2.54
C ILE D 168 40.12 -40.90 -2.34
N SER D 169 40.21 -39.58 -2.11
CA SER D 169 41.50 -38.94 -1.91
C SER D 169 41.55 -38.11 -0.64
N ALA D 170 40.59 -38.36 0.24
CA ALA D 170 40.48 -37.67 1.52
C ALA D 170 39.81 -38.70 2.41
N PRO D 171 40.04 -38.63 3.72
CA PRO D 171 39.42 -39.64 4.59
C PRO D 171 38.03 -39.34 5.13
N TYR D 172 37.31 -40.42 5.42
CA TYR D 172 35.99 -40.32 6.04
C TYR D 172 36.20 -41.05 7.36
N GLU D 173 35.98 -40.38 8.49
CA GLU D 173 36.15 -41.00 9.79
C GLU D 173 34.79 -41.37 10.33
N ALA D 174 34.48 -42.66 10.26
CA ALA D 174 33.19 -43.18 10.71
C ALA D 174 32.94 -42.89 12.20
N PRO D 175 31.67 -42.62 12.56
CA PRO D 175 31.26 -42.32 13.93
C PRO D 175 31.60 -43.51 14.81
N ALA D 176 32.09 -43.24 16.03
CA ALA D 176 32.44 -44.31 16.94
C ALA D 176 31.14 -44.99 17.39
N ASN D 177 30.24 -44.21 17.98
CA ASN D 177 28.97 -44.75 18.45
C ASN D 177 27.82 -43.81 18.11
N PRO D 178 27.39 -43.78 16.84
CA PRO D 178 26.29 -42.90 16.46
C PRO D 178 25.01 -43.33 17.16
N GLU D 179 24.07 -42.41 17.31
CA GLU D 179 22.79 -42.73 17.95
C GLU D 179 22.06 -43.72 17.06
N VAL D 180 22.18 -43.52 15.76
CA VAL D 180 21.53 -44.38 14.78
C VAL D 180 22.53 -44.72 13.69
N HIS D 181 22.60 -46.01 13.38
CA HIS D 181 23.51 -46.51 12.35
C HIS D 181 22.66 -47.15 11.26
N VAL D 182 22.56 -46.46 10.12
CA VAL D 182 21.78 -46.94 8.99
C VAL D 182 22.66 -47.52 7.89
N LYS D 183 22.53 -48.83 7.67
CA LYS D 183 23.30 -49.53 6.64
C LYS D 183 22.45 -49.30 5.39
N ASN D 184 22.60 -48.09 4.84
CA ASN D 184 21.81 -47.63 3.71
C ASN D 184 22.10 -48.14 2.30
N TYR D 185 22.16 -49.46 2.15
CA TYR D 185 22.41 -50.09 0.85
C TYR D 185 21.42 -51.26 0.63
N GLU D 186 20.93 -51.43 -0.60
CA GLU D 186 19.95 -52.46 -0.89
C GLU D 186 18.93 -52.40 0.26
N LEU D 187 18.48 -51.18 0.53
CA LEU D 187 17.52 -50.90 1.60
C LEU D 187 16.53 -49.83 1.14
N PRO D 188 15.21 -50.08 1.27
CA PRO D 188 14.24 -49.08 0.84
C PRO D 188 14.30 -47.84 1.75
N VAL D 189 14.11 -46.67 1.16
CA VAL D 189 14.16 -45.42 1.91
C VAL D 189 13.23 -45.44 3.14
N GLN D 190 12.00 -45.90 2.95
CA GLN D 190 11.03 -45.94 4.05
C GLN D 190 11.54 -46.75 5.23
N ASP D 191 12.32 -47.79 4.95
CA ASP D 191 12.87 -48.60 6.02
C ASP D 191 13.94 -47.80 6.78
N ALA D 192 14.74 -47.05 6.03
CA ALA D 192 15.80 -46.26 6.63
C ALA D 192 15.20 -45.13 7.49
N VAL D 193 14.23 -44.43 6.92
CA VAL D 193 13.57 -43.34 7.65
C VAL D 193 12.88 -43.87 8.90
N LYS D 194 12.28 -45.05 8.79
CA LYS D 194 11.60 -45.65 9.94
C LYS D 194 12.61 -45.96 11.04
N GLN D 195 13.79 -46.43 10.64
CA GLN D 195 14.80 -46.73 11.62
C GLN D 195 15.12 -45.50 12.46
N ILE D 196 15.19 -44.35 11.79
CA ILE D 196 15.48 -43.10 12.45
C ILE D 196 14.34 -42.64 13.36
N ILE D 197 13.14 -42.57 12.81
CA ILE D 197 11.98 -42.15 13.59
C ILE D 197 11.77 -43.04 14.81
N ASP D 198 11.85 -44.37 14.61
CA ASP D 198 11.66 -45.27 15.74
C ASP D 198 12.64 -44.93 16.84
N TYR D 199 13.90 -44.66 16.47
CA TYR D 199 14.88 -44.32 17.50
C TYR D 199 14.44 -43.07 18.25
N LEU D 200 13.92 -42.11 17.51
CA LEU D 200 13.45 -40.86 18.10
C LEU D 200 12.38 -41.14 19.14
N ASP D 201 11.43 -42.01 18.77
CA ASP D 201 10.36 -42.37 19.68
C ASP D 201 10.88 -43.06 20.93
N THR D 202 11.89 -43.91 20.82
CA THR D 202 12.40 -44.59 22.01
C THR D 202 12.97 -43.57 22.99
N LYS D 203 13.30 -42.40 22.47
CA LYS D 203 13.85 -41.33 23.30
C LYS D 203 12.74 -40.35 23.68
N GLY D 204 11.54 -40.59 23.16
CA GLY D 204 10.41 -39.72 23.45
C GLY D 204 10.59 -38.30 22.91
N TYR D 205 11.29 -38.17 21.79
CA TYR D 205 11.53 -36.85 21.21
C TYR D 205 10.35 -36.32 20.40
N LEU D 206 9.46 -37.21 19.97
CA LEU D 206 8.33 -36.78 19.15
C LEU D 206 6.99 -36.82 19.88
N PRO D 207 5.99 -36.12 19.33
CA PRO D 207 4.66 -36.10 19.95
C PRO D 207 4.06 -37.49 19.80
N ALA D 208 2.87 -37.68 20.36
CA ALA D 208 2.17 -38.96 20.30
C ALA D 208 2.14 -39.58 18.90
N LYS D 209 1.05 -39.36 18.17
CA LYS D 209 0.88 -39.89 16.82
C LYS D 209 -0.54 -39.65 16.30
S SO4 E . -12.82 36.74 -4.55
O1 SO4 E . -14.16 37.34 -4.61
O2 SO4 E . -12.91 35.40 -3.94
O3 SO4 E . -12.25 36.63 -5.91
O4 SO4 E . -11.93 37.59 -3.73
S SO4 F . -21.37 44.98 -19.89
O1 SO4 F . -22.83 45.15 -19.90
O2 SO4 F . -20.81 45.68 -18.71
O3 SO4 F . -21.05 43.54 -19.81
O4 SO4 F . -20.79 45.55 -21.12
S SO4 G . -28.22 4.84 -27.66
O1 SO4 G . -26.94 4.86 -28.41
O2 SO4 G . -29.25 5.55 -28.46
O3 SO4 G . -28.64 3.44 -27.46
O4 SO4 G . -28.07 5.51 -26.36
S SO4 H . -17.89 51.89 -13.45
O1 SO4 H . -17.10 51.01 -14.34
O2 SO4 H . -19.02 52.49 -14.21
O3 SO4 H . -18.42 51.12 -12.33
O4 SO4 H . -17.02 52.97 -12.94
S SO4 I . 1.71 40.70 -12.87
O1 SO4 I . 0.42 41.39 -13.01
O2 SO4 I . 1.71 39.45 -13.66
O3 SO4 I . 2.79 41.57 -13.35
O4 SO4 I . 1.93 40.37 -11.44
PB ADP J . -19.39 39.74 -0.06
O1B ADP J . -19.81 40.47 -1.26
O2B ADP J . -19.59 38.17 -0.20
O3B ADP J . -17.97 40.06 0.31
PA ADP J . -20.86 39.45 2.42
O1A ADP J . -21.85 38.43 2.04
O2A ADP J . -19.76 38.86 3.17
O3A ADP J . -20.32 40.17 1.13
O5' ADP J . -21.66 40.56 3.09
C5' ADP J . -20.98 41.71 3.60
C4' ADP J . -21.76 42.24 4.81
O4' ADP J . -22.94 42.86 4.38
C3' ADP J . -22.25 41.23 5.87
O3' ADP J . -22.13 41.78 7.20
C2' ADP J . -23.70 40.93 5.47
O2' ADP J . -24.47 40.34 6.51
C1' ADP J . -24.12 42.32 5.00
N9 ADP J . -25.22 42.28 4.02
C8 ADP J . -25.38 41.61 2.86
N7 ADP J . -26.54 41.92 2.31
C5 ADP J . -27.14 42.77 3.08
C6 ADP J . -28.36 43.45 3.04
N6 ADP J . -29.18 43.26 2.00
N1 ADP J . -28.71 44.31 4.06
C2 ADP J . -27.91 44.53 5.14
N3 ADP J . -26.70 43.88 5.19
C4 ADP J . -26.30 43.00 4.21
S SO4 K . -24.06 17.93 8.76
O1 SO4 K . -23.99 17.82 7.30
O2 SO4 K . -23.95 16.60 9.37
O3 SO4 K . -22.95 18.78 9.22
O4 SO4 K . -25.34 18.55 9.18
S SO4 L . -28.71 30.06 10.27
O1 SO4 L . -29.17 31.46 10.22
O2 SO4 L . -28.53 29.54 8.89
O3 SO4 L . -27.44 29.98 10.99
O4 SO4 L . -29.73 29.25 10.96
PB ADP M . -12.24 3.51 -22.90
O1B ADP M . -11.76 2.81 -21.68
O2B ADP M . -13.24 4.69 -22.56
O3B ADP M . -11.06 4.01 -23.70
PA ADP M . -14.45 2.69 -24.57
O1A ADP M . -15.57 2.74 -23.64
O2A ADP M . -14.44 3.88 -25.42
O3A ADP M . -13.07 2.54 -23.79
O5' ADP M . -14.58 1.31 -25.26
C5' ADP M . -13.61 0.95 -26.25
C4' ADP M . -14.26 0.02 -27.26
O4' ADP M . -14.57 -1.24 -26.66
C3' ADP M . -15.58 0.48 -27.92
O3' ADP M . -15.53 0.32 -29.34
C2' ADP M . -16.69 -0.35 -27.30
O2' ADP M . -17.82 -0.55 -28.15
C1' ADP M . -15.95 -1.60 -26.83
N9 ADP M . -16.51 -2.11 -25.56
C8 ADP M . -16.89 -1.51 -24.40
N7 ADP M . -17.32 -2.43 -23.54
C5 ADP M . -17.22 -3.61 -24.10
C6 ADP M . -17.50 -4.93 -23.72
N6 ADP M . -18.00 -5.18 -22.50
N1 ADP M . -17.27 -5.98 -24.61
C2 ADP M . -16.77 -5.78 -25.87
N3 ADP M . -16.49 -4.50 -26.25
C4 ADP M . -16.70 -3.41 -25.43
SB ADX N . -5.27 10.04 -17.87
O1B ADX N . -6.27 9.65 -16.87
O2B ADX N . -4.92 11.45 -17.89
O3B ADX N . -4.08 9.23 -17.75
PA ADX N . -7.21 10.18 -20.00
O1A ADX N . -8.23 9.16 -19.72
O2A ADX N . -7.43 11.54 -19.50
O3A ADX N . -5.79 9.68 -19.33
O5' ADX N . -6.83 10.17 -21.55
C5' ADX N . -6.59 8.87 -22.17
C4' ADX N . -7.20 8.94 -23.58
O4' ADX N . -6.39 9.97 -24.37
C3' ADX N . -7.03 7.57 -24.36
O3' ADX N . -8.21 6.89 -24.51
C2' ADX N . -6.41 8.05 -25.70
O2' ADX N . -7.64 8.40 -26.65
C1' ADX N . -5.85 9.39 -25.62
N9 ADX N . -4.37 9.47 -25.51
C8 ADX N . -3.56 10.27 -26.29
N7 ADX N . -2.27 10.17 -26.01
C5 ADX N . -2.19 9.25 -24.97
C6 ADX N . -1.08 8.69 -24.21
N6 ADX N . 0.15 9.06 -24.45
N1 ADX N . -1.45 7.77 -23.25
C2 ADX N . -2.71 7.37 -22.99
N3 ADX N . -3.84 7.83 -23.65
C4 ADX N . -3.46 8.78 -24.64
S SO4 O . 23.92 -4.75 17.79
O1 SO4 O . 24.79 -3.82 18.55
O2 SO4 O . 22.54 -4.21 17.73
O3 SO4 O . 24.45 -4.90 16.42
O4 SO4 O . 23.91 -6.06 18.47
S SO4 P . 7.77 -36.86 -5.04
O1 SO4 P . 8.30 -36.05 -3.93
O2 SO4 P . 6.33 -37.14 -4.80
O3 SO4 P . 7.94 -36.12 -6.31
O4 SO4 P . 8.50 -38.13 -5.11
S SO4 Q . 15.15 3.54 2.74
O1 SO4 Q . 13.68 3.55 2.87
O2 SO4 Q . 15.60 2.16 2.49
O3 SO4 Q . 15.55 4.40 1.62
O4 SO4 Q . 15.75 4.04 3.98
S SO4 R . 38.30 -0.97 8.93
O1 SO4 R . 39.33 -0.52 9.89
O2 SO4 R . 37.12 -1.44 9.68
O3 SO4 R . 37.91 0.14 8.05
O4 SO4 R . 38.84 -2.09 8.12
PB ADP S . 17.44 -1.68 22.42
O1B ADP S . 17.01 -0.98 21.21
O2B ADP S . 17.30 -3.23 22.28
O3B ADP S . 18.87 -1.30 22.74
PA ADP S . 15.96 -2.02 24.93
O1A ADP S . 14.97 -3.00 24.55
O2A ADP S . 17.07 -2.64 25.68
O3A ADP S . 16.52 -1.27 23.65
O5' ADP S . 15.14 -0.93 25.66
C5' ADP S . 15.84 0.20 26.21
C4' ADP S . 15.07 0.72 27.41
O4' ADP S . 13.87 1.37 26.99
C3' ADP S . 14.57 -0.32 28.43
O3' ADP S . 14.73 0.22 29.75
C2' ADP S . 13.12 -0.58 28.05
O2' ADP S . 12.36 -1.16 29.11
C1' ADP S . 12.70 0.81 27.60
N9 ADP S . 11.61 0.76 26.61
C8 ADP S . 11.45 0.07 25.45
N7 ADP S . 10.29 0.39 24.91
C5 ADP S . 9.70 1.25 25.68
C6 ADP S . 8.49 1.94 25.62
N6 ADP S . 7.67 1.73 24.56
N1 ADP S . 8.14 2.83 26.64
C2 ADP S . 8.96 3.05 27.72
N3 ADP S . 10.16 2.38 27.78
C4 ADP S . 10.55 1.50 26.79
S SO4 T . 8.19 -10.99 32.59
O1 SO4 T . 7.18 -11.68 33.44
O2 SO4 T . 8.29 -11.69 31.30
O3 SO4 T . 7.76 -9.61 32.38
O4 SO4 T . 9.50 -11.00 33.28
PB ADP U . 24.08 -37.90 -0.57
O1B ADP U . 24.58 -38.59 0.64
O2B ADP U . 23.04 -36.76 -0.20
O3B ADP U . 25.22 -37.39 -1.37
PA ADP U . 21.82 -38.76 -2.20
O1A ADP U . 20.72 -38.72 -1.22
O2A ADP U . 21.77 -37.58 -3.04
O3A ADP U . 23.23 -38.88 -1.45
O5' ADP U . 21.69 -40.14 -2.88
C5' ADP U . 22.62 -40.50 -3.91
C4' ADP U . 21.91 -41.43 -4.89
O4' ADP U . 21.58 -42.67 -4.25
C3' ADP U . 20.57 -40.95 -5.50
O3' ADP U . 20.51 -41.17 -6.90
C2' ADP U . 19.47 -41.69 -4.75
O2' ADP U . 18.24 -41.80 -5.48
C1' ADP U . 20.18 -42.99 -4.36
N9 ADP U . 19.65 -43.51 -3.06
C8 ADP U . 19.26 -42.91 -1.90
N7 ADP U . 18.88 -43.83 -1.03
C5 ADP U . 19.01 -45.00 -1.59
C6 ADP U . 18.78 -46.33 -1.19
N6 ADP U . 18.31 -46.58 0.04
N1 ADP U . 19.03 -47.37 -2.06
C2 ADP U . 19.51 -47.17 -3.34
N3 ADP U . 19.74 -45.88 -3.74
C4 ADP U . 19.51 -44.80 -2.92
SB ADX V . 31.16 -31.39 4.33
O1B ADX V . 30.16 -31.78 5.33
O2B ADX V . 31.46 -29.98 4.24
O3B ADX V . 32.36 -32.15 4.48
PA ADX V . 29.28 -31.35 2.12
O1A ADX V . 28.21 -32.34 2.33
O2A ADX V . 29.05 -29.97 2.60
O3A ADX V . 30.65 -31.87 2.88
O5' ADX V . 29.80 -31.37 0.61
C5' ADX V . 30.07 -32.66 0.04
C4' ADX V . 29.49 -32.59 -1.38
O4' ADX V . 30.35 -31.58 -2.13
C3' ADX V . 29.67 -33.96 -2.16
O3' ADX V . 28.46 -34.59 -2.38
C2' ADX V . 30.37 -33.47 -3.47
O2' ADX V . 29.19 -33.08 -4.44
C1' ADX V . 30.94 -32.15 -3.36
N9 ADX V . 32.39 -32.04 -3.25
C8 ADX V . 33.18 -31.17 -3.98
N7 ADX V . 34.46 -31.24 -3.71
C5 ADX V . 34.58 -32.20 -2.74
C6 ADX V . 35.71 -32.75 -2.02
N6 ADX V . 36.93 -32.32 -2.26
N1 ADX V . 35.39 -33.74 -1.11
C2 ADX V . 34.15 -34.20 -0.85
N3 ADX V . 33.00 -33.75 -1.47
C4 ADX V . 33.33 -32.74 -2.41
#